data_4F4F
#
_entry.id   4F4F
#
_cell.length_a   51.990
_cell.length_b   100.010
_cell.length_c   92.130
_cell.angle_alpha   90.000
_cell.angle_beta   91.290
_cell.angle_gamma   90.000
#
_symmetry.space_group_name_H-M   'P 1 21 1'
#
loop_
_entity.id
_entity.type
_entity.pdbx_description
1 polymer 'Threonine synthase'
2 non-polymer "PYRIDOXAL-5'-PHOSPHATE"
3 water water
#
_entity_poly.entity_id   1
_entity_poly.type   'polypeptide(L)'
_entity_poly.pdbx_seq_one_letter_code
;GPGSSMKYVSTRGEAPVLGFSDALLAGLARDGGLYLPQEYPQFTAEQIRALRGKSYVEVALAVLTPFTGGEIPAADFERM
VREAYGTFRHDAVCPLVQTDANEFVLELFHGPTLAFKDVAMQLLARMMDYVLAQRGERATIVGATSGDTGGAAIEAFGGR
DNTDIFILFPNGRVSPVQQRQMTSSGFSNVHALSIEGNFDDCQNLVKGMFNDLEFCDALSLSGVNSINWARIMPQVVYYF
TAALSLGAPDRAVSFTVPTGNFGDIFAGYVAKRMGLPIEQLIIATNDNDILSRTLESGAYEMRGVAQTTSPSMDIQISSN
FERLLFEAHGRDAAAVRGLMQGLKQSGGFTISEKPLSAIRSEFSAGRSTVDETAATIESVLSKDGYLLDPHSAIGVKVAR
EKASGTAPMVVLATAHPAKFPDAVKAACGVEPQLPAWLCDLMQRKESFTVLHNELKIVEEYVRHHSRA
;
_entity_poly.pdbx_strand_id   A,B
#
loop_
_chem_comp.id
_chem_comp.type
_chem_comp.name
_chem_comp.formula
PLP non-polymer PYRIDOXAL-5'-PHOSPHATE 'C8 H10 N O6 P'
#
# COMPACT_ATOMS: atom_id res chain seq x y z
N SER A 5 18.39 -12.03 25.93
CA SER A 5 17.24 -12.96 25.97
C SER A 5 16.72 -13.05 24.52
N MET A 6 15.42 -13.20 24.32
CA MET A 6 14.93 -13.41 22.97
C MET A 6 14.75 -12.09 22.22
N LYS A 7 15.28 -11.99 21.01
CA LYS A 7 15.06 -10.85 20.15
C LYS A 7 14.26 -11.31 18.94
N TYR A 8 13.65 -10.35 18.25
CA TYR A 8 12.77 -10.59 17.15
C TYR A 8 13.20 -9.69 16.01
N VAL A 9 13.33 -10.29 14.83
CA VAL A 9 13.80 -9.61 13.63
C VAL A 9 12.70 -9.66 12.54
N SER A 10 12.73 -8.70 11.62
CA SER A 10 11.77 -8.68 10.52
C SER A 10 12.22 -9.51 9.35
N THR A 11 11.25 -10.16 8.73
CA THR A 11 11.48 -10.76 7.44
C THR A 11 12.02 -9.83 6.33
N ARG A 12 11.89 -8.50 6.47
CA ARG A 12 12.36 -7.59 5.44
C ARG A 12 13.66 -6.88 5.82
N GLY A 13 14.20 -7.28 6.97
CA GLY A 13 15.59 -6.95 7.36
C GLY A 13 15.96 -5.53 7.79
N GLU A 14 15.03 -4.60 7.86
CA GLU A 14 15.38 -3.20 8.14
C GLU A 14 14.46 -2.55 9.15
N ALA A 15 13.95 -3.33 10.08
CA ALA A 15 13.08 -2.83 11.11
C ALA A 15 13.86 -2.97 12.43
N PRO A 16 13.48 -2.20 13.46
CA PRO A 16 14.12 -2.35 14.76
C PRO A 16 14.07 -3.81 15.25
N VAL A 17 15.15 -4.29 15.84
CA VAL A 17 15.18 -5.60 16.48
C VAL A 17 14.48 -5.42 17.83
N LEU A 18 13.45 -6.22 18.11
CA LEU A 18 12.61 -5.98 19.28
C LEU A 18 12.66 -7.13 20.32
N GLY A 19 12.40 -6.79 21.58
CA GLY A 19 12.10 -7.79 22.58
C GLY A 19 10.68 -8.34 22.38
N PHE A 20 10.34 -9.38 23.14
CA PHE A 20 9.02 -10.00 23.04
C PHE A 20 7.85 -9.02 23.21
N SER A 21 7.86 -8.22 24.29
CA SER A 21 6.74 -7.37 24.60
C SER A 21 6.49 -6.39 23.47
N ASP A 22 7.56 -5.76 23.00
CA ASP A 22 7.44 -4.85 21.88
C ASP A 22 6.97 -5.56 20.63
N ALA A 23 7.52 -6.74 20.34
CA ALA A 23 7.09 -7.47 19.17
C ALA A 23 5.59 -7.75 19.26
N LEU A 24 5.11 -8.03 20.49
CA LEU A 24 3.70 -8.30 20.71
C LEU A 24 2.83 -7.06 20.38
N LEU A 25 3.30 -5.87 20.72
CA LEU A 25 2.54 -4.65 20.52
C LEU A 25 2.79 -4.02 19.15
N ALA A 26 4.00 -4.16 18.65
CA ALA A 26 4.33 -3.64 17.33
C ALA A 26 3.43 -4.27 16.25
N GLY A 27 3.17 -5.58 16.33
CA GLY A 27 2.45 -6.28 15.25
C GLY A 27 3.32 -6.41 13.98
N LEU A 28 2.87 -5.79 12.87
CA LEU A 28 3.66 -5.69 11.60
C LEU A 28 4.88 -4.77 11.70
N ALA A 29 6.05 -5.17 11.15
CA ALA A 29 7.26 -4.39 11.34
C ALA A 29 7.27 -3.06 10.54
N ARG A 30 8.03 -2.10 11.03
CA ARG A 30 8.29 -0.78 10.37
C ARG A 30 8.65 -0.88 8.89
N ASP A 31 9.32 -1.96 8.51
CA ASP A 31 9.75 -2.16 7.12
C ASP A 31 8.72 -2.94 6.29
N GLY A 32 7.54 -3.18 6.85
CA GLY A 32 6.53 -3.90 6.17
C GLY A 32 6.59 -5.42 6.33
N GLY A 33 7.63 -5.93 6.98
CA GLY A 33 7.75 -7.32 7.24
C GLY A 33 7.11 -7.84 8.51
N LEU A 34 7.38 -9.11 8.78
CA LEU A 34 6.81 -9.83 9.87
C LEU A 34 7.90 -10.22 10.84
N TYR A 35 7.59 -10.15 12.13
CA TYR A 35 8.57 -10.52 13.16
C TYR A 35 8.73 -12.03 13.39
N LEU A 36 9.98 -12.45 13.54
CA LEU A 36 10.33 -13.83 13.86
C LEU A 36 11.44 -13.85 14.90
N PRO A 37 11.52 -14.94 15.70
CA PRO A 37 12.61 -15.05 16.61
C PRO A 37 13.97 -14.99 15.94
N GLN A 38 14.91 -14.30 16.58
CA GLN A 38 16.25 -14.19 16.05
C GLN A 38 16.91 -15.59 16.05
N GLU A 39 16.53 -16.40 17.05
CA GLU A 39 16.88 -17.81 17.07
C GLU A 39 15.76 -18.58 17.71
N TYR A 40 15.70 -19.86 17.40
CA TYR A 40 14.68 -20.71 17.96
C TYR A 40 15.16 -21.39 19.24
N PRO A 41 14.34 -21.36 20.29
CA PRO A 41 14.67 -22.09 21.51
C PRO A 41 14.76 -23.57 21.19
N GLN A 42 15.69 -24.27 21.80
CA GLN A 42 15.93 -25.65 21.44
C GLN A 42 15.59 -26.60 22.56
N PHE A 43 15.04 -27.75 22.17
CA PHE A 43 14.79 -28.88 23.07
C PHE A 43 15.52 -30.11 22.54
N THR A 44 16.38 -30.70 23.37
CA THR A 44 16.98 -32.01 23.08
C THR A 44 15.94 -33.12 23.21
N ALA A 45 16.26 -34.30 22.70
CA ALA A 45 15.38 -35.48 22.87
C ALA A 45 15.05 -35.69 24.36
N GLU A 46 16.05 -35.62 25.23
CA GLU A 46 15.80 -35.83 26.67
C GLU A 46 14.90 -34.75 27.26
N GLN A 47 15.05 -33.49 26.79
CA GLN A 47 14.22 -32.41 27.26
C GLN A 47 12.78 -32.64 26.82
N ILE A 48 12.58 -33.25 25.66
CA ILE A 48 11.21 -33.58 25.22
C ILE A 48 10.69 -34.77 26.04
N ARG A 49 11.53 -35.80 26.23
CA ARG A 49 11.11 -36.92 27.11
C ARG A 49 10.67 -36.41 28.48
N ALA A 50 11.34 -35.37 28.97
CA ALA A 50 11.02 -34.80 30.28
C ALA A 50 9.62 -34.17 30.34
N LEU A 51 9.02 -33.88 29.20
CA LEU A 51 7.65 -33.32 29.14
C LEU A 51 6.56 -34.37 29.29
N ARG A 52 6.94 -35.66 29.25
CA ARG A 52 5.94 -36.75 29.30
C ARG A 52 5.17 -36.71 30.60
N GLY A 53 3.87 -36.86 30.49
CA GLY A 53 2.98 -36.88 31.63
C GLY A 53 2.46 -35.49 31.99
N LYS A 54 3.02 -34.44 31.41
CA LYS A 54 2.69 -33.09 31.88
C LYS A 54 1.37 -32.64 31.28
N SER A 55 0.68 -31.76 32.00
CA SER A 55 -0.57 -31.17 31.54
C SER A 55 -0.31 -30.29 30.33
N TYR A 56 -1.37 -29.96 29.59
CA TYR A 56 -1.27 -29.01 28.48
C TYR A 56 -0.64 -27.71 28.94
N VAL A 57 -1.12 -27.19 30.08
CA VAL A 57 -0.58 -25.95 30.63
C VAL A 57 0.90 -26.09 30.94
N GLU A 58 1.33 -27.17 31.54
CA GLU A 58 2.74 -27.36 31.86
C GLU A 58 3.61 -27.45 30.63
N VAL A 59 3.12 -28.09 29.56
CA VAL A 59 3.87 -28.18 28.34
C VAL A 59 3.96 -26.80 27.70
N ALA A 60 2.85 -26.08 27.72
CA ALA A 60 2.79 -24.70 27.21
C ALA A 60 3.84 -23.79 27.91
N LEU A 61 3.96 -23.92 29.21
CA LEU A 61 4.93 -23.09 29.95
C LEU A 61 6.35 -23.45 29.53
N ALA A 62 6.64 -24.75 29.39
CA ALA A 62 7.95 -25.20 28.95
C ALA A 62 8.26 -24.67 27.56
N VAL A 63 7.31 -24.79 26.63
CA VAL A 63 7.55 -24.52 25.20
C VAL A 63 7.58 -23.01 24.90
N LEU A 64 6.70 -22.26 25.56
CA LEU A 64 6.54 -20.84 25.29
C LEU A 64 7.46 -19.89 26.09
N THR A 65 7.83 -20.25 27.32
CA THR A 65 8.58 -19.33 28.17
C THR A 65 9.84 -18.74 27.48
N PRO A 66 10.61 -19.58 26.76
CA PRO A 66 11.83 -19.03 26.16
C PRO A 66 11.54 -17.91 25.17
N PHE A 67 10.40 -17.97 24.50
CA PHE A 67 10.01 -16.91 23.58
C PHE A 67 9.76 -15.55 24.21
N THR A 68 9.43 -15.52 25.51
CA THR A 68 9.09 -14.28 26.22
C THR A 68 10.28 -13.51 26.77
N GLY A 69 11.48 -14.09 26.65
CA GLY A 69 12.74 -13.37 26.89
C GLY A 69 12.88 -12.86 28.31
N GLY A 70 12.25 -13.56 29.26
CA GLY A 70 12.26 -13.11 30.63
C GLY A 70 11.43 -11.88 30.95
N GLU A 71 10.56 -11.44 30.05
CA GLU A 71 9.83 -10.20 30.26
C GLU A 71 8.56 -10.41 31.04
N ILE A 72 8.10 -11.65 31.14
CA ILE A 72 6.92 -11.93 31.95
C ILE A 72 7.35 -12.87 33.07
N PRO A 73 7.32 -12.41 34.33
CA PRO A 73 7.73 -13.27 35.46
C PRO A 73 6.96 -14.57 35.50
N ALA A 74 7.62 -15.64 35.94
CA ALA A 74 7.11 -16.98 35.87
C ALA A 74 5.73 -17.13 36.50
N ALA A 75 5.54 -16.55 37.67
CA ALA A 75 4.25 -16.68 38.35
C ALA A 75 3.14 -16.02 37.52
N ASP A 76 3.42 -14.86 36.92
CA ASP A 76 2.43 -14.16 36.11
C ASP A 76 2.14 -14.95 34.82
N PHE A 77 3.18 -15.45 34.16
CA PHE A 77 2.97 -16.31 32.98
C PHE A 77 2.17 -17.59 33.30
N GLU A 78 2.48 -18.28 34.40
CA GLU A 78 1.66 -19.40 34.94
C GLU A 78 0.48 -18.97 35.84
N ARG A 79 -0.11 -17.87 35.49
CA ARG A 79 -1.46 -17.60 35.85
C ARG A 79 -2.16 -17.45 34.52
N MET A 80 -1.54 -16.71 33.60
CA MET A 80 -2.25 -16.33 32.39
C MET A 80 -2.40 -17.54 31.43
N VAL A 81 -1.41 -18.43 31.39
CA VAL A 81 -1.50 -19.67 30.60
C VAL A 81 -2.59 -20.57 31.21
N ARG A 82 -2.60 -20.69 32.55
CA ARG A 82 -3.62 -21.49 33.26
C ARG A 82 -5.01 -20.93 32.97
N GLU A 83 -5.16 -19.61 33.04
CA GLU A 83 -6.47 -18.97 32.81
C GLU A 83 -6.92 -19.09 31.33
N ALA A 84 -6.00 -18.87 30.41
CA ALA A 84 -6.27 -19.04 29.00
C ALA A 84 -6.88 -20.41 28.68
N TYR A 85 -6.24 -21.46 29.16
CA TYR A 85 -6.67 -22.82 28.77
C TYR A 85 -7.76 -23.40 29.69
N GLY A 86 -7.98 -22.74 30.82
CA GLY A 86 -9.15 -23.01 31.65
C GLY A 86 -10.45 -22.66 30.91
N THR A 87 -10.38 -21.84 29.86
CA THR A 87 -11.55 -21.58 29.02
C THR A 87 -11.89 -22.69 28.06
N PHE A 88 -11.05 -23.70 27.96
CA PHE A 88 -11.29 -24.82 27.06
C PHE A 88 -11.99 -25.92 27.86
N ARG A 89 -13.15 -26.37 27.37
CA ARG A 89 -13.96 -27.36 28.05
C ARG A 89 -13.48 -28.75 27.64
N HIS A 90 -12.26 -29.06 28.01
CA HIS A 90 -11.71 -30.39 27.84
C HIS A 90 -10.48 -30.45 28.66
N ASP A 91 -10.35 -31.49 29.47
CA ASP A 91 -9.20 -31.60 30.38
C ASP A 91 -7.85 -31.64 29.66
N ALA A 92 -7.80 -32.26 28.48
CA ALA A 92 -6.58 -32.28 27.66
C ALA A 92 -6.33 -31.00 26.88
N VAL A 93 -7.31 -30.10 26.88
CA VAL A 93 -7.31 -28.82 26.11
C VAL A 93 -7.49 -29.11 24.61
N CYS A 94 -6.53 -29.81 24.00
CA CYS A 94 -6.58 -30.22 22.60
C CYS A 94 -6.43 -31.75 22.49
N PRO A 95 -7.53 -32.49 22.52
CA PRO A 95 -7.40 -33.97 22.60
C PRO A 95 -7.32 -34.63 21.23
N LEU A 96 -6.68 -35.80 21.17
CA LEU A 96 -6.70 -36.64 19.96
C LEU A 96 -7.92 -37.58 19.97
N VAL A 97 -8.48 -37.84 18.77
CA VAL A 97 -9.46 -38.88 18.56
C VAL A 97 -8.91 -39.72 17.40
N GLN A 98 -8.70 -41.00 17.61
CA GLN A 98 -8.15 -41.87 16.56
C GLN A 98 -9.20 -42.12 15.50
N THR A 99 -8.83 -42.03 14.22
CA THR A 99 -9.78 -42.25 13.11
C THR A 99 -9.43 -43.42 12.16
N ASP A 100 -8.21 -43.94 12.27
CA ASP A 100 -7.77 -45.10 11.56
C ASP A 100 -6.55 -45.64 12.33
N ALA A 101 -6.05 -46.79 11.90
CA ALA A 101 -4.93 -47.44 12.53
C ALA A 101 -3.71 -46.56 12.77
N ASN A 102 -3.45 -45.59 11.91
CA ASN A 102 -2.28 -44.73 12.09
C ASN A 102 -2.62 -43.28 11.85
N GLU A 103 -3.83 -42.88 12.22
CA GLU A 103 -4.35 -41.57 11.91
C GLU A 103 -5.19 -41.10 13.07
N PHE A 104 -4.97 -39.84 13.45
CA PHE A 104 -5.61 -39.21 14.59
C PHE A 104 -6.05 -37.80 14.23
N VAL A 105 -7.17 -37.35 14.79
CA VAL A 105 -7.62 -35.99 14.59
C VAL A 105 -7.32 -35.23 15.89
N LEU A 106 -6.65 -34.08 15.77
CA LEU A 106 -6.37 -33.21 16.91
C LEU A 106 -7.48 -32.16 16.96
N GLU A 107 -8.32 -32.24 17.99
CA GLU A 107 -9.50 -31.38 18.06
C GLU A 107 -9.12 -30.05 18.69
N LEU A 108 -9.08 -29.02 17.86
CA LEU A 108 -8.76 -27.67 18.35
C LEU A 108 -9.99 -26.80 18.66
N PHE A 109 -11.14 -27.46 18.86
CA PHE A 109 -12.42 -26.76 18.93
C PHE A 109 -13.16 -26.89 20.26
N HIS A 110 -12.44 -27.19 21.34
CA HIS A 110 -13.05 -27.22 22.67
C HIS A 110 -13.04 -25.90 23.43
N GLY A 111 -12.54 -24.86 22.77
CA GLY A 111 -12.49 -23.54 23.38
C GLY A 111 -13.79 -22.76 23.18
N PRO A 112 -13.83 -21.51 23.67
CA PRO A 112 -15.06 -20.73 23.80
C PRO A 112 -15.82 -20.48 22.53
N THR A 113 -15.16 -20.55 21.36
CA THR A 113 -15.90 -20.34 20.10
C THR A 113 -15.84 -21.53 19.16
N LEU A 114 -15.48 -22.69 19.70
CA LEU A 114 -15.48 -23.95 18.94
C LEU A 114 -14.60 -23.90 17.71
N ALA A 115 -13.51 -23.15 17.79
CA ALA A 115 -12.60 -23.02 16.66
C ALA A 115 -11.17 -22.70 17.07
N PHE A 116 -10.24 -23.08 16.20
CA PHE A 116 -8.84 -23.17 16.59
C PHE A 116 -8.21 -21.81 16.92
N LYS A 117 -8.76 -20.71 16.40
CA LYS A 117 -8.24 -19.36 16.77
C LYS A 117 -8.34 -19.05 18.28
N ASP A 118 -9.20 -19.76 19.01
CA ASP A 118 -9.25 -19.64 20.45
C ASP A 118 -7.92 -19.95 21.12
N VAL A 119 -7.16 -20.89 20.57
CA VAL A 119 -5.92 -21.36 21.24
C VAL A 119 -5.00 -20.16 21.37
N ALA A 120 -4.72 -19.49 20.27
CA ALA A 120 -3.81 -18.35 20.33
C ALA A 120 -4.51 -17.12 20.97
N MET A 121 -5.76 -16.85 20.63
CA MET A 121 -6.39 -15.61 21.09
C MET A 121 -6.49 -15.51 22.61
N GLN A 122 -6.84 -16.62 23.24
CA GLN A 122 -7.13 -16.59 24.67
C GLN A 122 -5.85 -16.26 25.45
N LEU A 123 -4.70 -16.68 24.94
CA LEU A 123 -3.43 -16.34 25.59
C LEU A 123 -2.94 -14.96 25.16
N LEU A 124 -2.99 -14.69 23.85
CA LEU A 124 -2.63 -13.37 23.29
C LEU A 124 -3.31 -12.23 24.05
N ALA A 125 -4.62 -12.34 24.28
CA ALA A 125 -5.34 -11.23 24.93
C ALA A 125 -4.82 -11.01 26.38
N ARG A 126 -4.46 -12.09 27.07
CA ARG A 126 -3.91 -12.01 28.43
C ARG A 126 -2.48 -11.53 28.47
N MET A 127 -1.66 -11.97 27.52
CA MET A 127 -0.28 -11.49 27.43
C MET A 127 -0.30 -10.00 27.14
N MET A 128 -1.15 -9.58 26.20
CA MET A 128 -1.26 -8.17 25.85
C MET A 128 -1.74 -7.36 27.06
N ASP A 129 -2.70 -7.87 27.81
CA ASP A 129 -3.22 -7.16 29.00
C ASP A 129 -2.09 -6.89 30.01
N TYR A 130 -1.22 -7.88 30.15
CA TYR A 130 -0.11 -7.83 31.06
C TYR A 130 0.94 -6.82 30.58
N VAL A 131 1.30 -6.89 29.31
CA VAL A 131 2.28 -5.95 28.75
C VAL A 131 1.81 -4.49 28.85
N LEU A 132 0.55 -4.24 28.48
CA LEU A 132 -0.06 -2.91 28.60
C LEU A 132 -0.02 -2.40 30.05
N ALA A 133 -0.47 -3.22 31.01
CA ALA A 133 -0.43 -2.84 32.42
C ALA A 133 0.97 -2.45 32.84
N GLN A 134 1.95 -3.26 32.44
CA GLN A 134 3.34 -3.00 32.87
C GLN A 134 3.85 -1.67 32.35
N ARG A 135 3.28 -1.17 31.25
CA ARG A 135 3.67 0.12 30.68
C ARG A 135 2.69 1.23 30.98
N GLY A 136 1.71 0.97 31.82
CA GLY A 136 0.70 1.99 32.15
C GLY A 136 -0.10 2.46 30.95
N GLU A 137 -0.31 1.54 30.02
CA GLU A 137 -1.03 1.84 28.78
C GLU A 137 -2.31 1.06 28.70
N ARG A 138 -3.13 1.48 27.75
CA ARG A 138 -4.35 0.80 27.40
C ARG A 138 -4.33 0.67 25.88
N ALA A 139 -5.24 -0.14 25.34
CA ALA A 139 -5.37 -0.26 23.88
C ALA A 139 -6.84 -0.34 23.47
N THR A 140 -7.12 0.10 22.24
CA THR A 140 -8.44 -0.03 21.63
C THR A 140 -8.23 -1.02 20.48
N ILE A 141 -8.74 -2.24 20.65
CA ILE A 141 -8.63 -3.30 19.63
C ILE A 141 -9.72 -3.10 18.61
N VAL A 142 -9.37 -3.04 17.33
CA VAL A 142 -10.37 -2.81 16.28
C VAL A 142 -10.18 -3.83 15.16
N GLY A 143 -11.24 -4.51 14.76
CA GLY A 143 -11.18 -5.41 13.61
C GLY A 143 -12.50 -5.57 12.89
N ALA A 144 -12.42 -6.16 11.70
CA ALA A 144 -13.59 -6.47 10.89
C ALA A 144 -13.65 -7.97 10.71
N THR A 145 -14.85 -8.54 10.65
CA THR A 145 -15.00 -9.99 10.50
C THR A 145 -16.22 -10.29 9.64
N SER A 146 -16.20 -11.44 8.98
CA SER A 146 -17.38 -11.98 8.34
C SER A 146 -18.12 -12.88 9.32
N GLY A 147 -17.56 -13.13 10.51
CA GLY A 147 -18.31 -13.82 11.55
C GLY A 147 -17.46 -14.54 12.58
N ASP A 148 -16.55 -15.38 12.11
CA ASP A 148 -15.82 -16.30 12.99
C ASP A 148 -14.66 -15.71 13.80
N THR A 149 -13.80 -14.95 13.12
CA THR A 149 -12.68 -14.34 13.83
C THR A 149 -13.13 -13.35 14.91
N GLY A 150 -14.16 -12.58 14.62
CA GLY A 150 -14.70 -11.61 15.58
C GLY A 150 -15.14 -12.26 16.88
N GLY A 151 -15.79 -13.41 16.76
CA GLY A 151 -16.17 -14.18 17.92
C GLY A 151 -15.00 -14.60 18.79
N ALA A 152 -14.00 -15.19 18.14
CA ALA A 152 -12.79 -15.61 18.84
C ALA A 152 -12.13 -14.44 19.51
N ALA A 153 -12.09 -13.30 18.84
CA ALA A 153 -11.44 -12.11 19.40
C ALA A 153 -12.22 -11.57 20.61
N ILE A 154 -13.54 -11.47 20.47
CA ILE A 154 -14.40 -10.96 21.53
C ILE A 154 -14.41 -11.84 22.77
N GLU A 155 -14.41 -13.15 22.57
CA GLU A 155 -14.30 -14.07 23.71
C GLU A 155 -12.94 -14.06 24.41
N ALA A 156 -11.89 -13.65 23.71
CA ALA A 156 -10.56 -13.54 24.28
C ALA A 156 -10.35 -12.21 25.02
N PHE A 157 -10.84 -11.11 24.42
CA PHE A 157 -10.58 -9.77 24.96
C PHE A 157 -11.67 -9.27 25.90
N GLY A 158 -12.84 -9.90 25.81
CA GLY A 158 -13.94 -9.65 26.75
C GLY A 158 -13.44 -9.78 28.18
N GLY A 159 -13.58 -8.71 28.93
CA GLY A 159 -13.25 -8.78 30.34
C GLY A 159 -11.80 -8.60 30.65
N ARG A 160 -10.95 -8.29 29.66
CA ARG A 160 -9.59 -7.91 29.97
C ARG A 160 -9.64 -6.50 30.61
N ASP A 161 -8.62 -6.18 31.39
CA ASP A 161 -8.60 -4.93 32.13
C ASP A 161 -8.19 -3.72 31.27
N ASN A 162 -7.25 -3.91 30.34
CA ASN A 162 -6.55 -2.79 29.70
C ASN A 162 -6.91 -2.55 28.21
N THR A 163 -7.96 -3.24 27.76
CA THR A 163 -8.41 -3.18 26.36
C THR A 163 -9.93 -3.02 26.28
N ASP A 164 -10.35 -2.37 25.19
CA ASP A 164 -11.75 -2.32 24.75
C ASP A 164 -11.69 -2.82 23.30
N ILE A 165 -12.63 -3.65 22.92
CA ILE A 165 -12.63 -4.25 21.61
C ILE A 165 -13.87 -3.88 20.81
N PHE A 166 -13.65 -3.49 19.56
CA PHE A 166 -14.69 -3.11 18.63
C PHE A 166 -14.52 -3.98 17.38
N ILE A 167 -15.55 -4.77 17.08
CA ILE A 167 -15.57 -5.61 15.90
C ILE A 167 -16.72 -5.16 15.01
N LEU A 168 -16.38 -4.86 13.77
CA LEU A 168 -17.33 -4.48 12.77
C LEU A 168 -17.65 -5.73 11.92
N PHE A 169 -18.94 -5.96 11.72
CA PHE A 169 -19.44 -7.05 10.88
C PHE A 169 -20.65 -6.59 10.08
N PRO A 170 -20.92 -7.26 8.95
CA PRO A 170 -21.96 -6.74 8.07
C PRO A 170 -23.35 -7.06 8.58
N ASN A 171 -24.18 -6.03 8.68
CA ASN A 171 -25.52 -6.15 9.19
C ASN A 171 -26.31 -7.19 8.39
N GLY A 172 -26.92 -8.12 9.10
CA GLY A 172 -27.78 -9.13 8.50
C GLY A 172 -27.09 -10.19 7.68
N ARG A 173 -25.77 -10.15 7.60
CA ARG A 173 -25.02 -11.03 6.72
C ARG A 173 -24.10 -12.03 7.46
N VAL A 174 -24.17 -12.07 8.79
CA VAL A 174 -23.44 -13.06 9.58
C VAL A 174 -24.39 -14.21 9.96
N SER A 175 -23.86 -15.43 9.91
CA SER A 175 -24.60 -16.61 10.35
C SER A 175 -25.09 -16.45 11.79
N PRO A 176 -26.25 -17.04 12.13
CA PRO A 176 -26.80 -16.88 13.47
C PRO A 176 -25.86 -17.29 14.60
N VAL A 177 -25.24 -18.46 14.54
CA VAL A 177 -24.31 -18.89 15.61
C VAL A 177 -23.14 -17.89 15.78
N GLN A 178 -22.51 -17.56 14.66
CA GLN A 178 -21.38 -16.64 14.67
C GLN A 178 -21.78 -15.27 15.23
N GLN A 179 -22.93 -14.74 14.81
CA GLN A 179 -23.33 -13.43 15.33
C GLN A 179 -23.57 -13.43 16.86
N ARG A 180 -24.23 -14.47 17.33
CA ARG A 180 -24.55 -14.57 18.75
C ARG A 180 -23.28 -14.63 19.59
N GLN A 181 -22.23 -15.32 19.10
CA GLN A 181 -20.97 -15.35 19.83
C GLN A 181 -20.31 -13.98 19.92
N MET A 182 -20.52 -13.11 18.94
CA MET A 182 -19.97 -11.77 19.04
C MET A 182 -20.79 -10.87 19.95
N THR A 183 -22.11 -11.07 19.98
CA THR A 183 -23.00 -10.05 20.52
C THR A 183 -23.63 -10.40 21.86
N SER A 184 -23.43 -11.63 22.35
CA SER A 184 -24.03 -12.07 23.62
C SER A 184 -23.02 -12.42 24.71
N SER A 185 -21.83 -11.85 24.63
CA SER A 185 -20.72 -12.22 25.53
C SER A 185 -20.92 -11.62 26.89
N GLY A 186 -21.70 -10.56 26.95
CA GLY A 186 -22.04 -9.93 28.21
C GLY A 186 -20.97 -9.02 28.80
N PHE A 187 -19.84 -8.87 28.12
CA PHE A 187 -18.74 -8.07 28.67
C PHE A 187 -18.90 -6.59 28.35
N SER A 188 -18.60 -5.73 29.32
CA SER A 188 -18.76 -4.28 29.18
C SER A 188 -17.72 -3.62 28.28
N ASN A 189 -16.58 -4.27 28.04
CA ASN A 189 -15.53 -3.71 27.19
C ASN A 189 -15.57 -4.21 25.76
N VAL A 190 -16.67 -4.85 25.39
CA VAL A 190 -16.91 -5.42 24.09
C VAL A 190 -17.98 -4.59 23.38
N HIS A 191 -17.70 -4.24 22.12
CA HIS A 191 -18.59 -3.45 21.28
C HIS A 191 -18.75 -4.07 19.92
N ALA A 192 -19.91 -4.64 19.67
CA ALA A 192 -20.19 -5.29 18.40
C ALA A 192 -20.91 -4.28 17.54
N LEU A 193 -20.34 -3.96 16.39
CA LEU A 193 -20.81 -2.92 15.52
C LEU A 193 -21.29 -3.57 14.24
N SER A 194 -22.60 -3.56 14.02
CA SER A 194 -23.27 -4.14 12.88
C SER A 194 -23.38 -3.03 11.82
N ILE A 195 -22.47 -3.05 10.85
CA ILE A 195 -22.37 -2.01 9.83
C ILE A 195 -23.40 -2.26 8.72
N GLU A 196 -24.12 -1.22 8.32
CA GLU A 196 -25.04 -1.28 7.18
C GLU A 196 -24.20 -1.20 5.90
N GLY A 197 -23.56 -2.34 5.62
CA GLY A 197 -22.66 -2.54 4.48
C GLY A 197 -22.15 -3.98 4.51
N ASN A 198 -21.31 -4.34 3.53
CA ASN A 198 -20.85 -5.72 3.41
C ASN A 198 -19.51 -5.87 4.10
N PHE A 199 -18.95 -7.08 4.07
CA PHE A 199 -17.67 -7.37 4.74
C PHE A 199 -16.56 -6.48 4.20
N ASP A 200 -16.53 -6.30 2.89
CA ASP A 200 -15.51 -5.45 2.29
C ASP A 200 -15.63 -4.03 2.88
N ASP A 201 -16.86 -3.53 3.02
CA ASP A 201 -17.08 -2.23 3.65
C ASP A 201 -16.52 -2.20 5.09
N CYS A 202 -16.74 -3.26 5.85
CA CYS A 202 -16.21 -3.30 7.23
C CYS A 202 -14.68 -3.19 7.23
N GLN A 203 -14.06 -3.90 6.29
CA GLN A 203 -12.60 -3.89 6.17
C GLN A 203 -12.07 -2.53 5.77
N ASN A 204 -12.81 -1.83 4.91
CA ASN A 204 -12.42 -0.50 4.44
C ASN A 204 -12.49 0.54 5.57
N LEU A 205 -13.48 0.41 6.44
CA LEU A 205 -13.58 1.28 7.60
C LEU A 205 -12.44 1.04 8.57
N VAL A 206 -12.07 -0.23 8.76
CA VAL A 206 -10.97 -0.53 9.65
C VAL A 206 -9.65 0.02 9.10
N LYS A 207 -9.43 -0.17 7.81
CA LYS A 207 -8.22 0.34 7.13
C LYS A 207 -8.22 1.86 7.24
N GLY A 208 -9.39 2.48 7.07
CA GLY A 208 -9.61 3.91 7.27
C GLY A 208 -9.13 4.39 8.65
N MET A 209 -9.56 3.71 9.70
CA MET A 209 -9.17 4.09 11.06
C MET A 209 -7.66 3.95 11.23
N PHE A 210 -7.09 2.87 10.71
CA PHE A 210 -5.64 2.67 10.84
C PHE A 210 -4.80 3.67 10.07
N ASN A 211 -5.35 4.21 8.99
CA ASN A 211 -4.71 5.28 8.22
C ASN A 211 -4.82 6.65 8.86
N ASP A 212 -5.75 6.81 9.79
CA ASP A 212 -5.93 8.06 10.46
C ASP A 212 -5.00 8.04 11.67
N LEU A 213 -3.82 8.63 11.50
CA LEU A 213 -2.76 8.50 12.48
C LEU A 213 -3.07 9.22 13.79
N GLU A 214 -3.73 10.37 13.71
CA GLU A 214 -4.16 11.09 14.92
C GLU A 214 -5.14 10.24 15.75
N PHE A 215 -6.08 9.64 15.03
CA PHE A 215 -7.08 8.79 15.65
C PHE A 215 -6.43 7.58 16.34
N CYS A 216 -5.54 6.91 15.63
CA CYS A 216 -4.80 5.75 16.20
C CYS A 216 -4.06 6.10 17.45
N ASP A 217 -3.46 7.29 17.44
CA ASP A 217 -2.62 7.78 18.54
C ASP A 217 -3.51 8.03 19.74
N ALA A 218 -4.58 8.79 19.52
CA ALA A 218 -5.48 9.19 20.60
C ALA A 218 -6.15 7.98 21.27
N LEU A 219 -6.42 6.95 20.49
CA LEU A 219 -7.21 5.81 20.98
C LEU A 219 -6.32 4.60 21.25
N SER A 220 -5.01 4.72 21.02
CA SER A 220 -4.08 3.58 21.14
C SER A 220 -4.58 2.35 20.35
N LEU A 221 -4.95 2.59 19.10
CA LEU A 221 -5.56 1.55 18.27
C LEU A 221 -4.61 0.38 18.03
N SER A 222 -5.15 -0.84 18.10
CA SER A 222 -4.42 -2.06 17.79
C SER A 222 -5.33 -3.04 17.04
N GLY A 223 -4.74 -3.83 16.14
CA GLY A 223 -5.50 -4.63 15.18
C GLY A 223 -5.76 -6.06 15.59
N VAL A 224 -6.65 -6.71 14.85
CA VAL A 224 -6.95 -8.12 15.03
C VAL A 224 -6.45 -8.74 13.76
N ASN A 225 -5.30 -9.39 13.82
CA ASN A 225 -4.94 -10.13 12.64
C ASN A 225 -3.90 -11.17 12.76
N SER A 226 -3.90 -11.90 11.67
CA SER A 226 -3.33 -13.17 11.57
C SER A 226 -1.82 -13.08 11.61
N ILE A 227 -1.25 -11.88 11.44
CA ILE A 227 0.23 -11.74 11.33
C ILE A 227 1.03 -11.34 12.58
N ASN A 228 0.38 -11.06 13.70
CA ASN A 228 1.12 -10.80 14.92
C ASN A 228 1.79 -12.10 15.34
N TRP A 229 3.04 -12.02 15.75
CA TRP A 229 3.78 -13.16 16.27
C TRP A 229 2.98 -13.91 17.36
N ALA A 230 2.14 -13.24 18.16
CA ALA A 230 1.42 -13.93 19.27
C ALA A 230 0.14 -14.66 18.83
N ARG A 231 -0.30 -14.44 17.61
CA ARG A 231 -1.29 -15.37 17.03
C ARG A 231 -0.63 -16.65 16.63
N ILE A 232 0.67 -16.62 16.38
CA ILE A 232 1.32 -17.86 15.94
C ILE A 232 1.93 -18.60 17.10
N MET A 233 2.69 -17.90 17.93
CA MET A 233 3.45 -18.52 19.00
C MET A 233 2.69 -19.58 19.82
N PRO A 234 1.47 -19.28 20.28
CA PRO A 234 0.81 -20.26 21.16
C PRO A 234 0.48 -21.59 20.48
N GLN A 235 0.38 -21.55 19.16
CA GLN A 235 -0.02 -22.71 18.40
C GLN A 235 1.09 -23.78 18.34
N VAL A 236 2.31 -23.37 18.66
CA VAL A 236 3.44 -24.31 18.74
C VAL A 236 3.14 -25.44 19.76
N VAL A 237 2.40 -25.09 20.81
CA VAL A 237 2.21 -25.98 21.92
C VAL A 237 1.54 -27.30 21.51
N TYR A 238 0.46 -27.23 20.75
CA TYR A 238 -0.31 -28.44 20.52
C TYR A 238 0.40 -29.43 19.58
N TYR A 239 1.38 -28.93 18.84
CA TYR A 239 2.26 -29.86 18.10
C TYR A 239 3.09 -30.71 19.07
N PHE A 240 3.65 -30.08 20.09
CA PHE A 240 4.28 -30.82 21.17
C PHE A 240 3.35 -31.79 21.91
N THR A 241 2.20 -31.32 22.34
CA THR A 241 1.33 -32.17 23.18
C THR A 241 0.81 -33.38 22.38
N ALA A 242 0.36 -33.15 21.14
CA ALA A 242 -0.05 -34.26 20.28
C ALA A 242 1.09 -35.25 20.03
N ALA A 243 2.28 -34.74 19.71
CA ALA A 243 3.42 -35.60 19.40
C ALA A 243 3.85 -36.38 20.65
N LEU A 244 3.75 -35.76 21.82
CA LEU A 244 4.06 -36.47 23.07
C LEU A 244 3.08 -37.61 23.33
N SER A 245 1.81 -37.42 22.99
CA SER A 245 0.85 -38.50 23.18
C SER A 245 1.26 -39.70 22.32
N LEU A 246 1.81 -39.44 21.15
CA LEU A 246 2.19 -40.50 20.21
C LEU A 246 3.61 -41.03 20.32
N GLY A 247 4.36 -40.55 21.30
CA GLY A 247 5.61 -41.14 21.63
C GLY A 247 6.84 -40.29 21.35
N ALA A 248 6.62 -39.01 21.03
CA ALA A 248 7.75 -38.09 20.89
C ALA A 248 8.67 -38.17 22.10
N PRO A 249 10.00 -38.09 21.88
CA PRO A 249 10.71 -37.85 20.65
C PRO A 249 11.19 -39.12 19.99
N ASP A 250 10.77 -40.28 20.48
CA ASP A 250 11.32 -41.55 20.00
C ASP A 250 10.76 -42.00 18.67
N ARG A 251 9.68 -41.40 18.21
CA ARG A 251 9.37 -41.55 16.81
C ARG A 251 8.86 -40.21 16.29
N ALA A 252 9.07 -39.98 15.00
CA ALA A 252 8.61 -38.77 14.36
C ALA A 252 7.11 -38.85 14.12
N VAL A 253 6.49 -37.69 14.08
CA VAL A 253 5.05 -37.55 13.87
C VAL A 253 4.83 -36.62 12.68
N SER A 254 3.76 -36.87 11.92
CA SER A 254 3.40 -36.00 10.81
C SER A 254 2.11 -35.24 11.10
N PHE A 255 1.99 -34.07 10.52
CA PHE A 255 0.82 -33.24 10.69
C PHE A 255 0.27 -32.74 9.36
N THR A 256 -1.06 -32.74 9.25
CA THR A 256 -1.73 -32.08 8.16
C THR A 256 -2.62 -30.98 8.70
N VAL A 257 -2.52 -29.81 8.10
CA VAL A 257 -3.15 -28.62 8.61
C VAL A 257 -4.03 -27.96 7.56
N PRO A 258 -5.36 -27.89 7.80
CA PRO A 258 -6.18 -27.11 6.91
C PRO A 258 -5.77 -25.67 7.07
N THR A 259 -5.32 -25.05 5.98
CA THR A 259 -4.46 -23.85 6.05
C THR A 259 -5.08 -22.74 5.21
N GLY A 260 -5.09 -21.55 5.77
CA GLY A 260 -5.44 -20.34 5.06
C GLY A 260 -4.24 -19.42 5.08
N ASN A 261 -4.03 -18.71 6.19
CA ASN A 261 -2.95 -17.71 6.22
C ASN A 261 -1.64 -18.23 6.79
N PHE A 262 -1.51 -19.55 6.94
CA PHE A 262 -0.24 -20.23 7.20
C PHE A 262 0.32 -20.19 8.60
N GLY A 263 -0.34 -19.47 9.51
CA GLY A 263 0.16 -19.23 10.86
C GLY A 263 0.16 -20.53 11.66
N ASP A 264 -0.89 -21.31 11.46
CA ASP A 264 -1.03 -22.63 12.09
C ASP A 264 0.10 -23.58 11.74
N ILE A 265 0.24 -23.85 10.45
CA ILE A 265 1.29 -24.75 10.00
C ILE A 265 2.68 -24.15 10.23
N PHE A 266 2.80 -22.83 10.17
CA PHE A 266 4.11 -22.22 10.48
C PHE A 266 4.50 -22.53 11.93
N ALA A 267 3.55 -22.57 12.85
CA ALA A 267 3.79 -22.97 14.25
C ALA A 267 4.30 -24.40 14.38
N GLY A 268 3.85 -25.28 13.50
CA GLY A 268 4.35 -26.65 13.41
C GLY A 268 5.79 -26.66 12.92
N TYR A 269 6.08 -25.80 11.94
CA TYR A 269 7.44 -25.61 11.49
C TYR A 269 8.34 -25.14 12.65
N VAL A 270 7.84 -24.25 13.46
CA VAL A 270 8.58 -23.72 14.58
C VAL A 270 8.87 -24.85 15.55
N ALA A 271 7.85 -25.66 15.85
CA ALA A 271 8.07 -26.82 16.71
C ALA A 271 9.20 -27.71 16.22
N LYS A 272 9.17 -28.01 14.93
CA LYS A 272 10.22 -28.76 14.30
C LYS A 272 11.59 -28.07 14.46
N ARG A 273 11.65 -26.78 14.18
CA ARG A 273 12.91 -26.04 14.39
C ARG A 273 13.41 -26.13 15.84
N MET A 274 12.48 -26.20 16.80
CA MET A 274 12.86 -26.29 18.20
C MET A 274 13.37 -27.69 18.60
N GLY A 275 13.16 -28.69 17.73
CA GLY A 275 13.67 -30.06 17.97
C GLY A 275 12.60 -31.14 18.01
N LEU A 276 11.32 -30.79 17.86
CA LEU A 276 10.30 -31.81 17.81
C LEU A 276 10.44 -32.65 16.55
N PRO A 277 10.58 -33.99 16.72
CA PRO A 277 10.75 -34.81 15.53
C PRO A 277 9.48 -34.90 14.66
N ILE A 278 9.53 -34.27 13.50
CA ILE A 278 8.36 -34.19 12.61
C ILE A 278 8.81 -34.75 11.29
N GLU A 279 7.96 -35.55 10.68
CA GLU A 279 8.26 -36.16 9.41
C GLU A 279 7.68 -35.24 8.33
N GLN A 280 6.37 -35.29 8.09
CA GLN A 280 5.75 -34.42 7.10
C GLN A 280 4.96 -33.32 7.76
N LEU A 281 5.01 -32.14 7.14
CA LEU A 281 4.08 -31.06 7.38
C LEU A 281 3.31 -30.88 6.08
N ILE A 282 1.99 -31.05 6.13
CA ILE A 282 1.20 -31.08 4.88
C ILE A 282 0.20 -29.95 4.93
N ILE A 283 0.25 -29.10 3.91
CA ILE A 283 -0.65 -27.98 3.75
C ILE A 283 -1.89 -28.49 3.06
N ALA A 284 -3.07 -28.27 3.64
CA ALA A 284 -4.32 -28.70 3.02
C ALA A 284 -5.14 -27.45 2.66
N THR A 285 -5.50 -27.32 1.39
CA THR A 285 -6.17 -26.13 0.91
C THR A 285 -7.53 -26.52 0.34
N ASN A 286 -8.40 -25.54 0.25
CA ASN A 286 -9.61 -25.64 -0.55
C ASN A 286 -9.33 -25.24 -2.01
N ASP A 287 -10.37 -25.02 -2.81
CA ASP A 287 -10.22 -24.58 -4.22
C ASP A 287 -9.34 -23.32 -4.39
N ASN A 288 -9.22 -22.53 -3.33
CA ASN A 288 -8.27 -21.42 -3.34
C ASN A 288 -6.90 -21.99 -2.96
N ASP A 289 -6.19 -22.41 -3.99
CA ASP A 289 -5.10 -23.35 -3.82
C ASP A 289 -3.75 -22.74 -4.17
N ILE A 290 -3.60 -21.43 -3.98
CA ILE A 290 -2.33 -20.75 -4.23
C ILE A 290 -1.15 -21.50 -3.63
N LEU A 291 -1.32 -21.99 -2.41
CA LEU A 291 -0.22 -22.68 -1.72
C LEU A 291 0.08 -24.03 -2.37
N SER A 292 -0.95 -24.77 -2.74
CA SER A 292 -0.74 -26.01 -3.47
C SER A 292 -0.04 -25.74 -4.82
N ARG A 293 -0.54 -24.77 -5.59
CA ARG A 293 0.09 -24.41 -6.85
C ARG A 293 1.53 -23.96 -6.65
N THR A 294 1.78 -23.27 -5.55
CA THR A 294 3.14 -22.81 -5.24
C THR A 294 4.06 -23.99 -5.01
N LEU A 295 3.64 -24.96 -4.22
CA LEU A 295 4.51 -26.13 -4.01
C LEU A 295 4.72 -26.92 -5.32
N GLU A 296 3.70 -26.99 -6.18
CA GLU A 296 3.83 -27.71 -7.44
C GLU A 296 4.78 -27.04 -8.41
N SER A 297 4.67 -25.71 -8.53
CA SER A 297 5.33 -24.98 -9.60
C SER A 297 6.38 -23.96 -9.18
N GLY A 298 6.34 -23.54 -7.92
CA GLY A 298 7.09 -22.36 -7.50
C GLY A 298 6.43 -21.01 -7.77
N ALA A 299 5.26 -21.00 -8.41
CA ALA A 299 4.61 -19.78 -8.89
C ALA A 299 3.52 -19.44 -7.88
N TYR A 300 3.83 -18.48 -7.02
CA TYR A 300 2.85 -17.99 -6.08
C TYR A 300 2.11 -16.89 -6.78
N GLU A 301 0.96 -17.25 -7.33
CA GLU A 301 0.24 -16.37 -8.25
C GLU A 301 -1.18 -16.19 -7.81
N MET A 302 -1.58 -14.95 -7.61
CA MET A 302 -2.93 -14.66 -7.15
C MET A 302 -3.94 -14.99 -8.24
N ARG A 303 -5.05 -15.60 -7.86
CA ARG A 303 -6.16 -15.85 -8.78
C ARG A 303 -7.43 -15.41 -8.05
N GLY A 304 -8.56 -15.44 -8.75
CA GLY A 304 -9.83 -14.97 -8.18
C GLY A 304 -10.19 -15.85 -6.99
N VAL A 305 -10.85 -15.28 -6.00
CA VAL A 305 -11.25 -16.02 -4.80
C VAL A 305 -12.57 -16.76 -5.06
N ALA A 306 -12.60 -18.07 -4.87
CA ALA A 306 -13.87 -18.84 -4.94
C ALA A 306 -14.49 -18.95 -3.56
N GLN A 307 -15.81 -18.84 -3.48
CA GLN A 307 -16.51 -19.10 -2.22
C GLN A 307 -16.69 -20.61 -2.17
N THR A 308 -16.39 -21.20 -1.03
CA THR A 308 -16.40 -22.64 -0.84
C THR A 308 -17.18 -22.94 0.43
N THR A 309 -17.17 -24.19 0.86
CA THR A 309 -17.78 -24.59 2.12
C THR A 309 -16.79 -24.52 3.28
N SER A 310 -15.55 -24.10 3.01
CA SER A 310 -14.57 -23.88 4.07
C SER A 310 -14.14 -22.40 4.05
N PRO A 311 -15.07 -21.47 4.39
CA PRO A 311 -14.80 -20.04 4.17
C PRO A 311 -13.59 -19.47 4.92
N SER A 312 -13.20 -20.05 6.04
CA SER A 312 -12.00 -19.54 6.75
C SER A 312 -10.68 -19.82 5.99
N MET A 313 -10.75 -20.62 4.94
CA MET A 313 -9.62 -20.90 4.09
C MET A 313 -9.78 -20.28 2.69
N ASP A 314 -10.78 -19.44 2.53
CA ASP A 314 -11.02 -18.78 1.24
C ASP A 314 -10.07 -17.59 1.12
N ILE A 315 -8.80 -17.89 0.81
CA ILE A 315 -7.74 -16.87 0.75
C ILE A 315 -7.29 -16.61 -0.67
N GLN A 316 -7.00 -15.36 -0.98
CA GLN A 316 -6.33 -15.00 -2.23
C GLN A 316 -4.80 -15.13 -2.07
N ILE A 317 -4.30 -14.63 -0.94
CA ILE A 317 -2.89 -14.77 -0.55
C ILE A 317 -2.80 -15.27 0.90
N SER A 318 -1.66 -15.81 1.27
CA SER A 318 -1.51 -16.41 2.58
C SER A 318 -0.60 -15.52 3.44
N SER A 319 -1.18 -14.85 4.42
CA SER A 319 -0.51 -13.74 5.09
C SER A 319 0.82 -14.12 5.78
N ASN A 320 0.94 -15.32 6.32
CA ASN A 320 2.16 -15.72 7.00
C ASN A 320 3.13 -16.54 6.17
N PHE A 321 2.79 -16.78 4.91
CA PHE A 321 3.73 -17.53 4.02
C PHE A 321 5.10 -16.84 3.95
N GLU A 322 5.09 -15.52 4.02
CA GLU A 322 6.32 -14.72 4.07
C GLU A 322 7.28 -15.15 5.17
N ARG A 323 6.77 -15.63 6.30
CA ARG A 323 7.66 -16.11 7.35
C ARG A 323 8.42 -17.33 6.85
N LEU A 324 7.74 -18.23 6.15
CA LEU A 324 8.46 -19.39 5.62
C LEU A 324 9.41 -18.99 4.51
N LEU A 325 8.98 -18.07 3.63
CA LEU A 325 9.86 -17.59 2.58
C LEU A 325 11.20 -17.11 3.15
N PHE A 326 11.15 -16.34 4.23
CA PHE A 326 12.35 -15.79 4.88
C PHE A 326 13.26 -16.94 5.31
N GLU A 327 12.69 -17.94 5.99
CA GLU A 327 13.50 -19.06 6.46
C GLU A 327 14.10 -19.86 5.29
N ALA A 328 13.28 -20.08 4.26
CA ALA A 328 13.67 -20.86 3.10
C ALA A 328 14.82 -20.21 2.29
N HIS A 329 14.90 -18.87 2.35
CA HIS A 329 15.95 -18.12 1.65
C HIS A 329 17.15 -17.90 2.53
N GLY A 330 17.23 -18.65 3.62
CA GLY A 330 18.30 -18.49 4.57
C GLY A 330 18.34 -17.11 5.19
N ARG A 331 17.17 -16.56 5.46
CA ARG A 331 16.99 -15.26 6.08
C ARG A 331 17.63 -14.12 5.28
N ASP A 332 17.56 -14.26 3.95
CA ASP A 332 18.00 -13.23 3.01
C ASP A 332 16.82 -12.23 2.84
N ALA A 333 16.87 -11.14 3.60
CA ALA A 333 15.84 -10.13 3.60
C ALA A 333 15.68 -9.43 2.25
N ALA A 334 16.80 -9.20 1.55
CA ALA A 334 16.72 -8.63 0.21
C ALA A 334 15.90 -9.54 -0.73
N ALA A 335 16.12 -10.85 -0.67
CA ALA A 335 15.35 -11.76 -1.53
C ALA A 335 13.86 -11.66 -1.22
N VAL A 336 13.53 -11.61 0.06
CA VAL A 336 12.12 -11.56 0.47
C VAL A 336 11.49 -10.25 0.00
N ARG A 337 12.21 -9.14 0.16
CA ARG A 337 11.71 -7.84 -0.28
C ARG A 337 11.36 -7.92 -1.76
N GLY A 338 12.26 -8.55 -2.52
CA GLY A 338 12.10 -8.63 -3.96
C GLY A 338 10.83 -9.38 -4.34
N LEU A 339 10.61 -10.51 -3.70
CA LEU A 339 9.44 -11.33 -4.00
C LEU A 339 8.15 -10.60 -3.65
N MET A 340 8.13 -9.94 -2.48
CA MET A 340 6.93 -9.22 -2.01
C MET A 340 6.64 -7.98 -2.86
N GLN A 341 7.70 -7.32 -3.33
CA GLN A 341 7.62 -6.24 -4.30
C GLN A 341 6.95 -6.77 -5.57
N GLY A 342 7.40 -7.93 -6.03
CA GLY A 342 6.77 -8.61 -7.17
C GLY A 342 5.28 -8.91 -7.01
N LEU A 343 4.91 -9.40 -5.83
CA LEU A 343 3.52 -9.67 -5.51
C LEU A 343 2.69 -8.40 -5.60
N LYS A 344 3.20 -7.32 -5.02
CA LYS A 344 2.48 -6.07 -4.92
C LYS A 344 2.26 -5.45 -6.31
N GLN A 345 3.31 -5.45 -7.14
CA GLN A 345 3.27 -4.87 -8.48
C GLN A 345 2.50 -5.71 -9.48
N SER A 346 2.74 -7.02 -9.48
CA SER A 346 2.28 -7.90 -10.57
C SER A 346 1.34 -9.04 -10.16
N GLY A 347 1.06 -9.22 -8.88
CA GLY A 347 0.15 -10.29 -8.44
C GLY A 347 0.74 -11.69 -8.30
N GLY A 348 2.06 -11.82 -8.39
CA GLY A 348 2.71 -13.11 -8.18
C GLY A 348 4.23 -12.99 -8.20
N PHE A 349 4.89 -14.08 -7.84
CA PHE A 349 6.32 -14.19 -7.98
C PHE A 349 6.64 -15.65 -8.13
N THR A 350 7.84 -15.89 -8.61
CA THR A 350 8.37 -17.25 -8.74
C THR A 350 9.48 -17.48 -7.73
N ILE A 351 9.40 -18.58 -6.99
CA ILE A 351 10.44 -18.87 -6.00
C ILE A 351 11.60 -19.58 -6.71
N SER A 352 12.82 -19.09 -6.56
CA SER A 352 13.98 -19.71 -7.19
C SER A 352 14.30 -21.09 -6.61
N GLU A 353 15.18 -21.81 -7.31
CA GLU A 353 15.29 -23.24 -7.09
C GLU A 353 15.75 -23.63 -5.69
N LYS A 354 16.78 -23.00 -5.17
CA LYS A 354 17.28 -23.41 -3.85
C LYS A 354 16.21 -23.24 -2.73
N PRO A 355 15.60 -22.06 -2.63
CA PRO A 355 14.60 -21.93 -1.57
C PRO A 355 13.38 -22.80 -1.83
N LEU A 356 13.01 -22.98 -3.11
CA LEU A 356 11.86 -23.85 -3.43
C LEU A 356 12.14 -25.28 -3.00
N SER A 357 13.36 -25.74 -3.26
CA SER A 357 13.76 -27.08 -2.81
C SER A 357 13.73 -27.18 -1.30
N ALA A 358 14.17 -26.13 -0.61
CA ALA A 358 14.14 -26.16 0.85
C ALA A 358 12.69 -26.28 1.34
N ILE A 359 11.75 -25.58 0.69
CA ILE A 359 10.34 -25.67 1.10
C ILE A 359 9.84 -27.08 0.86
N ARG A 360 10.16 -27.61 -0.31
CA ARG A 360 9.66 -28.94 -0.68
C ARG A 360 10.25 -30.08 0.17
N SER A 361 11.42 -29.83 0.74
CA SER A 361 12.07 -30.81 1.57
C SER A 361 11.35 -31.01 2.90
N GLU A 362 10.55 -30.02 3.32
CA GLU A 362 9.86 -30.11 4.59
C GLU A 362 8.33 -30.04 4.53
N PHE A 363 7.79 -29.58 3.40
CA PHE A 363 6.35 -29.36 3.23
C PHE A 363 5.87 -30.05 1.98
N SER A 364 4.63 -30.54 2.01
CA SER A 364 3.87 -30.79 0.79
C SER A 364 2.46 -30.21 0.93
N ALA A 365 1.68 -30.33 -0.13
CA ALA A 365 0.42 -29.61 -0.23
C ALA A 365 -0.57 -30.38 -1.06
N GLY A 366 -1.84 -30.30 -0.67
CA GLY A 366 -2.89 -30.80 -1.54
C GLY A 366 -4.14 -29.99 -1.34
N ARG A 367 -5.10 -30.29 -2.18
CA ARG A 367 -6.32 -29.54 -2.29
C ARG A 367 -7.51 -30.48 -2.15
N SER A 368 -8.64 -29.94 -1.69
CA SER A 368 -9.92 -30.69 -1.67
C SER A 368 -11.03 -29.76 -2.17
N THR A 369 -11.71 -30.18 -3.23
CA THR A 369 -12.85 -29.43 -3.76
C THR A 369 -14.05 -29.58 -2.83
N VAL A 370 -15.09 -28.79 -3.09
CA VAL A 370 -16.31 -28.85 -2.29
C VAL A 370 -16.87 -30.27 -2.28
N ASP A 371 -16.94 -30.93 -3.44
CA ASP A 371 -17.49 -32.29 -3.52
C ASP A 371 -16.62 -33.32 -2.79
N GLU A 372 -15.31 -33.19 -2.93
CA GLU A 372 -14.35 -34.08 -2.26
C GLU A 372 -14.45 -33.90 -0.76
N THR A 373 -14.57 -32.66 -0.31
CA THR A 373 -14.72 -32.36 1.11
C THR A 373 -16.02 -32.99 1.66
N ALA A 374 -17.15 -32.81 0.95
CA ALA A 374 -18.41 -33.44 1.37
C ALA A 374 -18.29 -34.98 1.46
N ALA A 375 -17.64 -35.56 0.46
CA ALA A 375 -17.49 -37.01 0.38
C ALA A 375 -16.70 -37.51 1.61
N THR A 376 -15.66 -36.77 1.99
CA THR A 376 -14.87 -37.07 3.19
C THR A 376 -15.69 -36.98 4.46
N ILE A 377 -16.51 -35.95 4.61
CA ILE A 377 -17.40 -35.88 5.81
C ILE A 377 -18.28 -37.13 5.88
N GLU A 378 -18.91 -37.48 4.75
CA GLU A 378 -19.83 -38.59 4.73
C GLU A 378 -19.13 -39.93 5.01
N SER A 379 -17.96 -40.17 4.40
CA SER A 379 -17.26 -41.45 4.62
C SER A 379 -16.74 -41.60 6.05
N VAL A 380 -16.13 -40.55 6.60
CA VAL A 380 -15.65 -40.62 7.99
C VAL A 380 -16.81 -40.83 8.99
N LEU A 381 -17.95 -40.19 8.77
CA LEU A 381 -19.13 -40.47 9.61
C LEU A 381 -19.55 -41.92 9.47
N SER A 382 -19.63 -42.38 8.23
CA SER A 382 -20.05 -43.76 7.97
C SER A 382 -19.11 -44.81 8.55
N LYS A 383 -17.81 -44.63 8.30
CA LYS A 383 -16.84 -45.64 8.68
C LYS A 383 -16.47 -45.57 10.16
N ASP A 384 -16.41 -44.37 10.74
CA ASP A 384 -15.97 -44.23 12.13
C ASP A 384 -17.02 -43.73 13.12
N GLY A 385 -18.16 -43.21 12.65
CA GLY A 385 -19.10 -42.57 13.56
C GLY A 385 -18.66 -41.16 13.98
N TYR A 386 -17.65 -40.63 13.29
CA TYR A 386 -17.03 -39.37 13.61
C TYR A 386 -17.41 -38.25 12.63
N LEU A 387 -17.88 -37.12 13.18
CA LEU A 387 -18.42 -36.05 12.39
C LEU A 387 -17.40 -34.89 12.25
N LEU A 388 -16.98 -34.61 11.02
CA LEU A 388 -16.08 -33.51 10.71
C LEU A 388 -16.83 -32.27 10.17
N ASP A 389 -16.31 -31.10 10.52
CA ASP A 389 -16.66 -29.88 9.81
C ASP A 389 -15.91 -29.89 8.45
N PRO A 390 -16.24 -28.95 7.56
CA PRO A 390 -15.60 -28.96 6.23
C PRO A 390 -14.10 -28.63 6.20
N HIS A 391 -13.66 -27.66 6.99
CA HIS A 391 -12.24 -27.33 7.05
C HIS A 391 -11.45 -28.55 7.51
N SER A 392 -11.91 -29.20 8.56
CA SER A 392 -11.25 -30.38 9.11
C SER A 392 -11.28 -31.56 8.15
N ALA A 393 -12.38 -31.70 7.42
CA ALA A 393 -12.48 -32.75 6.43
C ALA A 393 -11.49 -32.53 5.29
N ILE A 394 -11.25 -31.28 4.90
CA ILE A 394 -10.16 -30.97 3.97
C ILE A 394 -8.86 -31.54 4.45
N GLY A 395 -8.51 -31.27 5.69
CA GLY A 395 -7.35 -31.90 6.30
C GLY A 395 -7.28 -33.41 6.17
N VAL A 396 -8.37 -34.09 6.46
CA VAL A 396 -8.38 -35.58 6.37
C VAL A 396 -8.20 -36.04 4.92
N LYS A 397 -8.96 -35.45 4.00
CA LYS A 397 -8.80 -35.81 2.59
C LYS A 397 -7.33 -35.69 2.12
N VAL A 398 -6.73 -34.54 2.37
CA VAL A 398 -5.39 -34.26 1.88
C VAL A 398 -4.35 -35.13 2.62
N ALA A 399 -4.54 -35.30 3.93
CA ALA A 399 -3.65 -36.17 4.74
C ALA A 399 -3.61 -37.55 4.09
N ARG A 400 -4.76 -38.11 3.70
CA ARG A 400 -4.81 -39.45 3.16
C ARG A 400 -4.20 -39.54 1.76
N GLU A 401 -4.32 -38.48 0.98
CA GLU A 401 -3.73 -38.41 -0.34
C GLU A 401 -2.21 -38.22 -0.30
N LYS A 402 -1.75 -37.38 0.62
CA LYS A 402 -0.37 -36.94 0.60
C LYS A 402 0.52 -37.65 1.58
N ALA A 403 -0.02 -38.42 2.52
CA ALA A 403 0.83 -38.99 3.56
C ALA A 403 1.73 -40.02 2.93
N SER A 404 2.99 -39.96 3.31
CA SER A 404 3.99 -40.92 2.87
C SER A 404 4.84 -41.27 4.08
N GLY A 405 4.96 -42.56 4.36
CA GLY A 405 5.85 -43.00 5.41
C GLY A 405 5.10 -43.76 6.44
N THR A 406 5.84 -44.10 7.48
CA THR A 406 5.35 -44.92 8.54
C THR A 406 4.94 -44.06 9.74
N ALA A 407 5.26 -42.76 9.73
CA ALA A 407 4.87 -41.91 10.86
C ALA A 407 3.36 -41.88 11.07
N PRO A 408 2.92 -41.77 12.34
CA PRO A 408 1.52 -41.48 12.58
C PRO A 408 1.15 -40.08 12.08
N MET A 409 -0.06 -39.98 11.54
CA MET A 409 -0.58 -38.73 11.01
C MET A 409 -1.59 -38.11 11.98
N VAL A 410 -1.36 -36.85 12.29
CA VAL A 410 -2.26 -36.07 13.07
C VAL A 410 -2.84 -35.00 12.15
N VAL A 411 -4.16 -35.01 12.03
CA VAL A 411 -4.86 -34.03 11.21
C VAL A 411 -5.49 -33.04 12.18
N LEU A 412 -5.22 -31.77 11.97
CA LEU A 412 -5.80 -30.70 12.78
C LEU A 412 -7.26 -30.47 12.39
N ALA A 413 -8.14 -30.67 13.38
CA ALA A 413 -9.54 -30.32 13.25
C ALA A 413 -9.75 -28.90 13.80
N THR A 414 -9.99 -27.95 12.90
CA THR A 414 -9.90 -26.54 13.21
C THR A 414 -11.23 -25.90 13.61
N ALA A 415 -12.34 -26.58 13.47
CA ALA A 415 -13.66 -26.10 13.93
C ALA A 415 -14.56 -27.25 14.24
N HIS A 416 -15.52 -27.01 15.14
CA HIS A 416 -16.55 -27.97 15.49
C HIS A 416 -17.52 -28.01 14.34
N PRO A 417 -18.06 -29.21 14.01
CA PRO A 417 -19.08 -29.25 12.96
C PRO A 417 -20.29 -28.30 13.13
N ALA A 418 -20.67 -27.99 14.36
CA ALA A 418 -21.79 -27.08 14.59
C ALA A 418 -21.53 -25.63 14.17
N LYS A 419 -20.27 -25.27 13.88
CA LYS A 419 -19.93 -23.95 13.36
C LYS A 419 -20.27 -23.80 11.88
N PHE A 420 -20.47 -24.91 11.17
CA PHE A 420 -20.75 -24.88 9.73
C PHE A 420 -21.80 -25.94 9.43
N PRO A 421 -22.97 -25.79 10.05
CA PRO A 421 -23.99 -26.81 9.97
C PRO A 421 -24.55 -27.03 8.55
N ASP A 422 -24.61 -25.98 7.72
CA ASP A 422 -25.19 -26.13 6.37
C ASP A 422 -24.40 -27.12 5.52
N ALA A 423 -23.09 -26.92 5.51
CA ALA A 423 -22.21 -27.74 4.72
C ALA A 423 -22.20 -29.17 5.26
N VAL A 424 -22.23 -29.32 6.58
CA VAL A 424 -22.17 -30.65 7.18
C VAL A 424 -23.46 -31.39 6.82
N LYS A 425 -24.59 -30.71 6.96
CA LYS A 425 -25.91 -31.30 6.65
C LYS A 425 -25.99 -31.72 5.18
N ALA A 426 -25.56 -30.80 4.30
CA ALA A 426 -25.51 -31.08 2.86
C ALA A 426 -24.63 -32.32 2.58
N ALA A 427 -23.54 -32.47 3.31
CA ALA A 427 -22.60 -33.57 3.05
C ALA A 427 -23.13 -34.91 3.50
N CYS A 428 -23.77 -34.96 4.66
CA CYS A 428 -24.09 -36.25 5.28
C CYS A 428 -25.44 -36.34 5.91
N GLY A 429 -26.25 -35.29 5.84
CA GLY A 429 -27.60 -35.32 6.41
C GLY A 429 -27.71 -35.11 7.90
N VAL A 430 -26.59 -34.96 8.62
CA VAL A 430 -26.67 -34.74 10.06
C VAL A 430 -26.71 -33.24 10.35
N GLU A 431 -27.63 -32.82 11.23
CA GLU A 431 -27.63 -31.46 11.71
C GLU A 431 -26.77 -31.49 12.98
N PRO A 432 -25.55 -30.94 12.93
CA PRO A 432 -24.67 -31.14 14.10
C PRO A 432 -25.25 -30.45 15.35
N GLN A 433 -24.89 -30.96 16.53
CA GLN A 433 -25.40 -30.42 17.78
C GLN A 433 -24.29 -29.67 18.51
N LEU A 434 -24.63 -28.50 19.06
CA LEU A 434 -23.71 -27.73 19.88
C LEU A 434 -23.34 -28.52 21.11
N PRO A 435 -22.14 -28.28 21.66
CA PRO A 435 -21.83 -28.83 22.98
C PRO A 435 -22.87 -28.39 24.01
N ALA A 436 -23.06 -29.21 25.05
CA ALA A 436 -24.07 -28.97 26.06
C ALA A 436 -23.93 -27.61 26.76
N TRP A 437 -22.69 -27.20 27.04
CA TRP A 437 -22.47 -25.94 27.77
C TRP A 437 -22.86 -24.75 26.91
N LEU A 438 -22.97 -24.95 25.59
CA LEU A 438 -23.39 -23.90 24.67
C LEU A 438 -24.83 -24.14 24.15
N CYS A 439 -25.53 -25.11 24.74
CA CYS A 439 -26.80 -25.51 24.18
C CYS A 439 -27.84 -24.38 24.27
N ASP A 440 -27.58 -23.36 25.08
CA ASP A 440 -28.50 -22.22 25.25
C ASP A 440 -28.17 -21.02 24.35
N LEU A 441 -27.14 -21.15 23.53
CA LEU A 441 -26.58 -20.01 22.78
C LEU A 441 -27.63 -19.21 22.03
N MET A 442 -28.55 -19.90 21.38
CA MET A 442 -29.55 -19.27 20.55
C MET A 442 -30.63 -18.52 21.37
N GLN A 443 -30.55 -18.57 22.70
CA GLN A 443 -31.49 -17.85 23.58
C GLN A 443 -30.82 -16.68 24.30
N ARG A 444 -29.52 -16.51 24.13
CA ARG A 444 -28.80 -15.45 24.81
C ARG A 444 -29.18 -14.10 24.15
N LYS A 445 -29.26 -13.03 24.95
CA LYS A 445 -29.64 -11.71 24.44
C LYS A 445 -28.44 -11.12 23.68
N GLU A 446 -28.70 -10.71 22.45
CA GLU A 446 -27.71 -10.01 21.64
C GLU A 446 -27.67 -8.55 22.06
N SER A 447 -26.53 -7.92 21.83
CA SER A 447 -26.35 -6.54 22.20
C SER A 447 -25.32 -5.95 21.26
N PHE A 448 -25.79 -5.17 20.30
CA PHE A 448 -24.93 -4.63 19.26
C PHE A 448 -25.52 -3.31 18.75
N THR A 449 -24.68 -2.51 18.12
CA THR A 449 -25.12 -1.22 17.66
C THR A 449 -25.04 -1.20 16.15
N VAL A 450 -26.14 -0.84 15.52
CA VAL A 450 -26.19 -0.67 14.07
C VAL A 450 -25.63 0.70 13.71
N LEU A 451 -24.64 0.74 12.82
CA LEU A 451 -24.05 2.01 12.34
C LEU A 451 -23.97 2.01 10.83
N HIS A 452 -24.24 3.17 10.24
CA HIS A 452 -23.98 3.40 8.83
C HIS A 452 -22.53 3.29 8.46
N ASN A 453 -22.31 3.02 7.17
CA ASN A 453 -20.98 2.72 6.65
C ASN A 453 -20.25 4.06 6.34
N GLU A 454 -19.78 4.72 7.39
CA GLU A 454 -19.12 6.04 7.27
C GLU A 454 -18.02 6.10 8.32
N LEU A 455 -16.83 6.48 7.89
CA LEU A 455 -15.68 6.48 8.77
C LEU A 455 -15.85 7.34 10.03
N LYS A 456 -16.38 8.56 9.87
CA LYS A 456 -16.60 9.47 11.01
C LYS A 456 -17.62 8.95 12.05
N ILE A 457 -18.67 8.29 11.59
CA ILE A 457 -19.66 7.69 12.50
C ILE A 457 -18.98 6.62 13.38
N VAL A 458 -18.22 5.71 12.74
CA VAL A 458 -17.56 4.62 13.46
C VAL A 458 -16.50 5.21 14.41
N GLU A 459 -15.74 6.21 13.95
CA GLU A 459 -14.67 6.75 14.80
C GLU A 459 -15.29 7.40 16.01
N GLU A 460 -16.40 8.13 15.83
CA GLU A 460 -17.09 8.79 16.96
C GLU A 460 -17.58 7.75 17.98
N TYR A 461 -18.13 6.65 17.50
CA TYR A 461 -18.59 5.60 18.41
C TYR A 461 -17.40 5.06 19.20
N VAL A 462 -16.30 4.78 18.51
CA VAL A 462 -15.13 4.24 19.20
C VAL A 462 -14.56 5.23 20.21
N ARG A 463 -14.44 6.50 19.80
CA ARG A 463 -13.95 7.57 20.65
C ARG A 463 -14.80 7.69 21.90
N HIS A 464 -16.12 7.65 21.75
CA HIS A 464 -17.04 7.77 22.89
C HIS A 464 -16.98 6.62 23.86
N HIS A 465 -16.74 5.41 23.38
CA HIS A 465 -16.87 4.21 24.21
C HIS A 465 -15.55 3.63 24.72
N SER A 466 -14.44 3.84 24.00
CA SER A 466 -13.14 3.36 24.48
C SER A 466 -12.71 4.06 25.77
N ARG A 467 -12.11 3.31 26.69
CA ARG A 467 -11.52 3.88 27.91
C ARG A 467 -10.06 4.27 27.71
N ALA A 468 -9.56 4.10 26.50
CA ALA A 468 -8.15 4.33 26.17
C ALA A 468 -7.75 5.79 26.16
N SER B 5 25.36 4.35 -23.14
CA SER B 5 24.11 5.12 -23.33
C SER B 5 23.36 5.09 -22.01
N MET B 6 22.33 5.91 -21.92
CA MET B 6 21.67 6.18 -20.67
C MET B 6 20.99 4.98 -19.98
N LYS B 7 21.19 4.86 -18.67
CA LYS B 7 20.51 3.88 -17.87
C LYS B 7 19.80 4.61 -16.72
N TYR B 8 18.77 3.97 -16.16
CA TYR B 8 17.97 4.53 -15.07
C TYR B 8 17.93 3.57 -13.88
N VAL B 9 18.17 4.11 -12.68
CA VAL B 9 18.23 3.35 -11.43
C VAL B 9 17.12 3.85 -10.49
N SER B 10 16.71 3.02 -9.54
CA SER B 10 15.66 3.40 -8.61
C SER B 10 16.26 4.02 -7.38
N THR B 11 15.54 5.01 -6.84
CA THR B 11 15.83 5.60 -5.54
C THR B 11 15.83 4.64 -4.35
N ARG B 12 15.21 3.46 -4.51
CA ARG B 12 15.17 2.44 -3.47
C ARG B 12 16.08 1.25 -3.73
N GLY B 13 16.84 1.31 -4.82
CA GLY B 13 18.05 0.51 -5.01
C GLY B 13 17.90 -0.94 -5.40
N GLU B 14 16.68 -1.41 -5.59
CA GLU B 14 16.50 -2.84 -5.81
C GLU B 14 15.55 -3.13 -6.96
N ALA B 15 15.53 -2.25 -7.95
CA ALA B 15 14.74 -2.44 -9.14
C ALA B 15 15.66 -2.68 -10.35
N PRO B 16 15.13 -3.32 -11.40
CA PRO B 16 15.92 -3.46 -12.61
C PRO B 16 16.46 -2.11 -13.08
N VAL B 17 17.71 -2.10 -13.51
CA VAL B 17 18.31 -0.95 -14.19
C VAL B 17 17.83 -0.92 -15.63
N LEU B 18 17.13 0.15 -16.01
CA LEU B 18 16.43 0.18 -17.31
C LEU B 18 16.98 1.20 -18.27
N GLY B 19 16.75 0.95 -19.56
CA GLY B 19 16.96 1.95 -20.59
C GLY B 19 15.79 2.92 -20.56
N PHE B 20 15.87 3.93 -21.42
CA PHE B 20 14.90 4.99 -21.41
C PHE B 20 13.50 4.49 -21.74
N SER B 21 13.36 3.67 -22.78
CA SER B 21 12.03 3.25 -23.20
C SER B 21 11.33 2.44 -22.11
N ASP B 22 12.07 1.57 -21.45
CA ASP B 22 11.53 0.75 -20.37
C ASP B 22 11.17 1.56 -19.14
N ALA B 23 11.97 2.60 -18.85
CA ALA B 23 11.74 3.53 -17.73
C ALA B 23 10.49 4.33 -18.01
N LEU B 24 10.35 4.78 -19.26
CA LEU B 24 9.12 5.42 -19.72
C LEU B 24 7.87 4.56 -19.54
N LEU B 25 7.94 3.28 -19.89
CA LEU B 25 6.77 2.38 -19.76
C LEU B 25 6.55 1.89 -18.32
N ALA B 26 7.65 1.60 -17.61
CA ALA B 26 7.57 1.17 -16.21
C ALA B 26 6.86 2.21 -15.33
N GLY B 27 7.25 3.47 -15.43
CA GLY B 27 6.72 4.48 -14.51
C GLY B 27 7.39 4.32 -13.14
N LEU B 28 6.60 3.98 -12.13
CA LEU B 28 7.12 3.63 -10.80
C LEU B 28 8.03 2.40 -10.87
N ALA B 29 9.14 2.39 -10.14
CA ALA B 29 10.03 1.22 -10.22
C ALA B 29 9.45 0.02 -9.47
N ARG B 30 9.91 -1.17 -9.86
CA ARG B 30 9.48 -2.40 -9.19
C ARG B 30 9.57 -2.40 -7.67
N ASP B 31 10.58 -1.72 -7.12
CA ASP B 31 10.81 -1.71 -5.69
C ASP B 31 10.07 -0.59 -4.97
N GLY B 32 9.15 0.08 -5.65
CA GLY B 32 8.38 1.18 -5.06
C GLY B 32 9.08 2.53 -5.14
N GLY B 33 10.30 2.57 -5.68
CA GLY B 33 11.10 3.81 -5.84
C GLY B 33 10.87 4.55 -7.16
N LEU B 34 11.69 5.57 -7.42
CA LEU B 34 11.53 6.40 -8.60
C LEU B 34 12.81 6.31 -9.42
N TYR B 35 12.66 6.30 -10.73
CA TYR B 35 13.79 6.19 -11.64
C TYR B 35 14.48 7.55 -11.85
N LEU B 36 15.80 7.48 -11.89
CA LEU B 36 16.68 8.59 -12.16
C LEU B 36 17.85 8.12 -13.03
N PRO B 37 18.42 9.04 -13.86
CA PRO B 37 19.61 8.75 -14.61
C PRO B 37 20.70 8.17 -13.73
N GLN B 38 21.33 7.10 -14.18
CA GLN B 38 22.51 6.53 -13.49
C GLN B 38 23.65 7.55 -13.47
N GLU B 39 23.83 8.24 -14.61
CA GLU B 39 24.75 9.37 -14.71
C GLU B 39 24.07 10.48 -15.51
N TYR B 40 24.07 11.69 -14.94
CA TYR B 40 23.56 12.88 -15.63
C TYR B 40 24.47 13.24 -16.78
N PRO B 41 23.86 13.49 -17.94
CA PRO B 41 24.65 13.94 -19.06
C PRO B 41 25.27 15.31 -18.80
N GLN B 42 26.50 15.51 -19.27
CA GLN B 42 27.25 16.72 -18.98
C GLN B 42 27.36 17.61 -20.20
N PHE B 43 27.22 18.91 -19.97
CA PHE B 43 27.53 19.94 -20.91
C PHE B 43 28.63 20.81 -20.37
N THR B 44 29.67 21.05 -21.17
CA THR B 44 30.70 22.01 -20.81
C THR B 44 30.16 23.42 -21.04
N ALA B 45 30.85 24.41 -20.47
CA ALA B 45 30.52 25.82 -20.66
C ALA B 45 30.47 26.12 -22.15
N GLU B 46 31.43 25.59 -22.91
CA GLU B 46 31.41 25.87 -24.35
C GLU B 46 30.19 25.27 -25.06
N GLN B 47 29.79 24.08 -24.69
CA GLN B 47 28.61 23.47 -25.29
C GLN B 47 27.34 24.28 -24.94
N ILE B 48 27.27 24.85 -23.73
CA ILE B 48 26.12 25.69 -23.36
C ILE B 48 26.16 26.99 -24.18
N ARG B 49 27.32 27.63 -24.23
CA ARG B 49 27.51 28.83 -25.09
C ARG B 49 27.07 28.59 -26.52
N ALA B 50 27.34 27.41 -27.05
CA ALA B 50 26.97 27.07 -28.43
C ALA B 50 25.45 26.99 -28.65
N LEU B 51 24.68 26.91 -27.57
CA LEU B 51 23.22 26.95 -27.65
C LEU B 51 22.62 28.37 -27.75
N ARG B 52 23.43 29.40 -27.57
CA ARG B 52 22.94 30.77 -27.70
C ARG B 52 22.26 31.09 -29.01
N GLY B 53 21.10 31.71 -28.92
CA GLY B 53 20.40 32.09 -30.12
C GLY B 53 19.54 30.99 -30.70
N LYS B 54 19.64 29.76 -30.16
CA LYS B 54 18.93 28.64 -30.77
C LYS B 54 17.44 28.64 -30.35
N SER B 55 16.58 28.06 -31.18
CA SER B 55 15.13 27.97 -30.90
C SER B 55 14.86 27.07 -29.69
N TYR B 56 13.70 27.23 -29.04
CA TYR B 56 13.30 26.31 -27.96
C TYR B 56 13.49 24.85 -28.40
N VAL B 57 12.99 24.50 -29.57
CA VAL B 57 13.06 23.13 -30.09
C VAL B 57 14.50 22.70 -30.23
N GLU B 58 15.37 23.56 -30.77
CA GLU B 58 16.77 23.20 -30.89
C GLU B 58 17.45 22.95 -29.55
N VAL B 59 17.19 23.82 -28.57
CA VAL B 59 17.73 23.58 -27.25
C VAL B 59 17.18 22.28 -26.68
N ALA B 60 15.86 22.09 -26.81
CA ALA B 60 15.24 20.84 -26.30
C ALA B 60 15.92 19.62 -26.86
N LEU B 61 16.19 19.64 -28.14
CA LEU B 61 16.90 18.55 -28.79
C LEU B 61 18.30 18.30 -28.19
N ALA B 62 19.08 19.35 -27.99
CA ALA B 62 20.42 19.20 -27.42
C ALA B 62 20.36 18.68 -25.99
N VAL B 63 19.40 19.19 -25.21
CA VAL B 63 19.36 18.90 -23.78
C VAL B 63 18.75 17.54 -23.51
N LEU B 64 17.76 17.16 -24.32
CA LEU B 64 17.01 15.92 -24.09
C LEU B 64 17.56 14.67 -24.76
N THR B 65 18.22 14.79 -25.91
CA THR B 65 18.66 13.59 -26.63
C THR B 65 19.45 12.60 -25.79
N PRO B 66 20.43 13.08 -24.98
CA PRO B 66 21.21 12.08 -24.21
C PRO B 66 20.36 11.20 -23.33
N PHE B 67 19.28 11.75 -22.78
CA PHE B 67 18.41 10.99 -21.90
C PHE B 67 17.68 9.84 -22.57
N THR B 68 17.58 9.87 -23.90
CA THR B 68 16.86 8.84 -24.62
C THR B 68 17.76 7.66 -24.97
N GLY B 69 19.05 7.74 -24.70
CA GLY B 69 19.97 6.60 -24.84
C GLY B 69 20.06 6.03 -26.25
N GLY B 70 19.80 6.87 -27.25
CA GLY B 70 19.76 6.44 -28.63
C GLY B 70 18.61 5.54 -29.03
N GLU B 71 17.57 5.45 -28.21
CA GLU B 71 16.44 4.57 -28.45
C GLU B 71 15.35 5.19 -29.33
N ILE B 72 15.37 6.51 -29.50
CA ILE B 72 14.48 7.14 -30.45
C ILE B 72 15.38 7.76 -31.51
N PRO B 73 15.27 7.31 -32.77
CA PRO B 73 16.19 7.90 -33.75
C PRO B 73 16.06 9.43 -33.86
N ALA B 74 17.14 10.09 -34.26
CA ALA B 74 17.23 11.54 -34.25
C ALA B 74 16.13 12.23 -35.06
N ALA B 75 15.85 11.73 -36.26
CA ALA B 75 14.80 12.32 -37.09
C ALA B 75 13.43 12.19 -36.43
N ASP B 76 13.14 11.06 -35.80
CA ASP B 76 11.84 10.86 -35.15
C ASP B 76 11.71 11.76 -33.93
N PHE B 77 12.79 11.86 -33.16
CA PHE B 77 12.76 12.70 -31.95
C PHE B 77 12.55 14.18 -32.34
N GLU B 78 13.25 14.65 -33.36
CA GLU B 78 13.07 16.01 -33.86
C GLU B 78 11.61 16.26 -34.25
N ARG B 79 11.01 15.33 -34.98
CA ARG B 79 9.59 15.44 -35.36
C ARG B 79 8.72 15.65 -34.12
N MET B 80 8.89 14.79 -33.12
CA MET B 80 7.96 14.82 -31.98
C MET B 80 8.21 16.04 -31.09
N VAL B 81 9.47 16.44 -30.93
CA VAL B 81 9.77 17.69 -30.19
C VAL B 81 9.18 18.90 -30.94
N ARG B 82 9.35 18.92 -32.25
CA ARG B 82 8.77 20.00 -33.05
C ARG B 82 7.27 20.05 -32.95
N GLU B 83 6.62 18.89 -33.03
CA GLU B 83 5.16 18.84 -32.90
C GLU B 83 4.66 19.24 -31.53
N ALA B 84 5.34 18.75 -30.51
CA ALA B 84 4.97 19.00 -29.13
C ALA B 84 4.93 20.50 -28.88
N TYR B 85 6.00 21.19 -29.21
CA TYR B 85 6.12 22.64 -28.91
C TYR B 85 5.45 23.50 -29.98
N GLY B 86 5.08 22.89 -31.09
CA GLY B 86 4.23 23.54 -32.09
C GLY B 86 2.84 23.84 -31.53
N THR B 87 2.45 23.12 -30.47
CA THR B 87 1.18 23.40 -29.80
C THR B 87 1.20 24.67 -28.90
N PHE B 88 2.38 25.24 -28.66
CA PHE B 88 2.52 26.43 -27.81
C PHE B 88 2.37 27.66 -28.66
N ARG B 89 1.50 28.57 -28.21
CA ARG B 89 1.11 29.75 -28.99
C ARG B 89 2.02 30.92 -28.61
N HIS B 90 3.30 30.72 -28.85
CA HIS B 90 4.32 31.72 -28.63
C HIS B 90 5.55 31.28 -29.35
N ASP B 91 6.17 32.19 -30.10
CA ASP B 91 7.35 31.82 -30.87
C ASP B 91 8.49 31.36 -29.98
N ALA B 92 8.60 31.90 -28.78
CA ALA B 92 9.67 31.48 -27.86
C ALA B 92 9.34 30.22 -27.08
N VAL B 93 8.08 29.78 -27.20
CA VAL B 93 7.49 28.66 -26.45
C VAL B 93 7.27 29.00 -24.97
N CYS B 94 8.36 29.26 -24.25
CA CYS B 94 8.32 29.71 -22.85
C CYS B 94 9.08 31.03 -22.64
N PRO B 95 8.39 32.17 -22.82
CA PRO B 95 9.09 33.45 -22.84
C PRO B 95 9.23 34.07 -21.46
N LEU B 96 10.24 34.91 -21.31
CA LEU B 96 10.42 35.75 -20.13
C LEU B 96 9.71 37.08 -20.25
N VAL B 97 9.22 37.56 -19.10
CA VAL B 97 8.72 38.92 -18.98
C VAL B 97 9.36 39.50 -17.73
N GLN B 98 10.13 40.57 -17.91
CA GLN B 98 10.79 41.23 -16.79
C GLN B 98 9.78 41.93 -15.90
N THR B 99 9.92 41.67 -14.61
CA THR B 99 9.05 42.30 -13.59
C THR B 99 9.79 43.22 -12.59
N ASP B 100 11.11 43.15 -12.55
CA ASP B 100 11.89 44.09 -11.80
C ASP B 100 13.29 44.15 -12.42
N ALA B 101 14.15 45.01 -11.87
CA ALA B 101 15.52 45.24 -12.40
C ALA B 101 16.25 43.91 -12.60
N ASN B 102 16.14 43.01 -11.65
CA ASN B 102 16.84 41.72 -11.70
C ASN B 102 15.90 40.51 -11.53
N GLU B 103 14.69 40.64 -12.04
CA GLU B 103 13.66 39.66 -11.81
C GLU B 103 12.83 39.48 -13.09
N PHE B 104 12.61 38.23 -13.45
CA PHE B 104 11.94 37.86 -14.67
C PHE B 104 10.96 36.74 -14.44
N VAL B 105 9.80 36.79 -15.08
CA VAL B 105 8.82 35.72 -14.94
C VAL B 105 8.92 34.86 -16.19
N LEU B 106 9.05 33.55 -16.02
CA LEU B 106 9.08 32.60 -17.13
C LEU B 106 7.67 32.02 -17.34
N GLU B 107 7.05 32.37 -18.46
CA GLU B 107 5.64 32.01 -18.72
C GLU B 107 5.54 30.61 -19.31
N LEU B 108 5.10 29.66 -18.48
CA LEU B 108 4.94 28.28 -18.88
C LEU B 108 3.49 27.95 -19.29
N PHE B 109 2.73 28.99 -19.64
CA PHE B 109 1.29 28.89 -19.83
C PHE B 109 0.78 29.21 -21.23
N HIS B 110 1.66 29.14 -22.23
CA HIS B 110 1.27 29.41 -23.61
C HIS B 110 0.88 28.14 -24.37
N GLY B 111 0.91 26.99 -23.69
CA GLY B 111 0.47 25.72 -24.23
C GLY B 111 -1.06 25.54 -24.27
N PRO B 112 -1.52 24.39 -24.78
CA PRO B 112 -2.93 24.17 -25.02
C PRO B 112 -3.90 24.25 -23.83
N THR B 113 -3.44 24.04 -22.57
CA THR B 113 -4.33 24.18 -21.40
C THR B 113 -3.86 25.31 -20.47
N LEU B 114 -3.01 26.19 -20.99
CA LEU B 114 -2.60 27.38 -20.27
C LEU B 114 -1.97 27.08 -18.92
N ALA B 115 -1.29 25.95 -18.83
CA ALA B 115 -0.61 25.55 -17.59
C ALA B 115 0.61 24.70 -17.90
N PHE B 116 1.56 24.74 -16.95
CA PHE B 116 2.90 24.24 -17.22
C PHE B 116 2.96 22.74 -17.46
N LYS B 117 2.00 21.94 -16.97
CA LYS B 117 2.05 20.49 -17.28
C LYS B 117 1.97 20.22 -18.79
N ASP B 118 1.51 21.19 -19.58
CA ASP B 118 1.56 21.04 -21.05
C ASP B 118 2.98 20.74 -21.55
N VAL B 119 3.99 21.37 -20.94
CA VAL B 119 5.36 21.27 -21.44
C VAL B 119 5.79 19.77 -21.52
N ALA B 120 5.64 19.07 -20.41
CA ALA B 120 6.02 17.65 -20.34
C ALA B 120 5.01 16.76 -21.08
N MET B 121 3.73 17.04 -20.90
CA MET B 121 2.70 16.13 -21.38
C MET B 121 2.73 16.06 -22.87
N GLN B 122 2.86 17.21 -23.53
CA GLN B 122 2.87 17.22 -24.99
C GLN B 122 3.99 16.37 -25.55
N LEU B 123 5.16 16.34 -24.87
CA LEU B 123 6.29 15.51 -25.40
C LEU B 123 6.13 14.06 -24.94
N LEU B 124 5.78 13.88 -23.68
CA LEU B 124 5.53 12.55 -23.10
C LEU B 124 4.58 11.71 -23.97
N ALA B 125 3.43 12.28 -24.36
CA ALA B 125 2.43 11.50 -25.11
C ALA B 125 2.99 10.99 -26.42
N ARG B 126 3.81 11.83 -27.06
CA ARG B 126 4.39 11.51 -28.33
C ARG B 126 5.55 10.53 -28.17
N MET B 127 6.34 10.69 -27.11
CA MET B 127 7.38 9.69 -26.86
C MET B 127 6.74 8.32 -26.62
N MET B 128 5.70 8.29 -25.80
CA MET B 128 5.04 7.02 -25.44
C MET B 128 4.45 6.33 -26.67
N ASP B 129 3.80 7.12 -27.51
CA ASP B 129 3.19 6.65 -28.71
C ASP B 129 4.21 5.97 -29.62
N TYR B 130 5.38 6.57 -29.70
CA TYR B 130 6.49 6.02 -30.44
C TYR B 130 7.01 4.70 -29.87
N VAL B 131 7.23 4.64 -28.55
CA VAL B 131 7.73 3.43 -27.91
C VAL B 131 6.71 2.31 -28.06
N LEU B 132 5.45 2.63 -27.79
CA LEU B 132 4.39 1.63 -27.93
C LEU B 132 4.32 1.09 -29.37
N ALA B 133 4.44 1.98 -30.35
CA ALA B 133 4.45 1.50 -31.77
C ALA B 133 5.60 0.52 -32.08
N GLN B 134 6.79 0.80 -31.55
CA GLN B 134 7.95 -0.09 -31.80
C GLN B 134 7.67 -1.47 -31.25
N ARG B 135 6.98 -1.51 -30.12
CA ARG B 135 6.70 -2.76 -29.44
C ARG B 135 5.43 -3.45 -29.89
N GLY B 136 4.69 -2.81 -30.78
CA GLY B 136 3.43 -3.33 -31.25
C GLY B 136 2.43 -3.43 -30.12
N GLU B 137 2.52 -2.49 -29.17
CA GLU B 137 1.67 -2.47 -27.98
C GLU B 137 0.82 -1.22 -27.97
N ARG B 138 -0.18 -1.21 -27.10
CA ARG B 138 -1.00 -0.04 -26.88
C ARG B 138 -1.10 0.23 -25.38
N ALA B 139 -1.61 1.39 -25.03
CA ALA B 139 -1.88 1.72 -23.61
C ALA B 139 -3.28 2.30 -23.41
N THR B 140 -3.86 2.02 -22.25
CA THR B 140 -5.08 2.68 -21.82
C THR B 140 -4.69 3.57 -20.65
N ILE B 141 -4.75 4.88 -20.85
CA ILE B 141 -4.40 5.88 -19.84
C ILE B 141 -5.63 6.18 -19.01
N VAL B 142 -5.50 6.11 -17.69
CA VAL B 142 -6.65 6.34 -16.82
C VAL B 142 -6.20 7.23 -15.67
N GLY B 143 -7.04 8.21 -15.33
CA GLY B 143 -6.75 9.11 -14.22
C GLY B 143 -7.98 9.79 -13.67
N ALA B 144 -7.84 10.27 -12.44
CA ALA B 144 -8.87 11.03 -11.81
C ALA B 144 -8.36 12.47 -11.75
N THR B 145 -9.27 13.42 -11.79
CA THR B 145 -8.87 14.82 -11.69
C THR B 145 -9.96 15.68 -11.09
N SER B 146 -9.56 16.75 -10.39
CA SER B 146 -10.48 17.74 -9.83
C SER B 146 -10.65 18.92 -10.79
N GLY B 147 -9.82 18.95 -11.83
CA GLY B 147 -10.00 19.84 -12.99
C GLY B 147 -8.78 19.98 -13.90
N ASP B 148 -7.65 20.35 -13.32
CA ASP B 148 -6.49 20.81 -14.09
C ASP B 148 -5.73 19.69 -14.79
N THR B 149 -5.28 18.67 -14.06
CA THR B 149 -4.33 17.73 -14.67
C THR B 149 -5.02 16.93 -15.78
N GLY B 150 -6.32 16.70 -15.61
CA GLY B 150 -7.13 16.05 -16.63
C GLY B 150 -7.03 16.71 -18.01
N GLY B 151 -7.08 18.04 -18.05
CA GLY B 151 -7.06 18.76 -19.33
C GLY B 151 -5.73 18.63 -20.05
N ALA B 152 -4.65 18.78 -19.30
CA ALA B 152 -3.33 18.73 -19.90
C ALA B 152 -3.10 17.33 -20.53
N ALA B 153 -3.48 16.28 -19.82
CA ALA B 153 -3.34 14.90 -20.31
C ALA B 153 -4.18 14.71 -21.57
N ILE B 154 -5.43 15.16 -21.51
CA ILE B 154 -6.35 15.00 -22.63
C ILE B 154 -5.84 15.68 -23.89
N GLU B 155 -5.39 16.91 -23.74
CA GLU B 155 -4.82 17.63 -24.90
C GLU B 155 -3.53 17.04 -25.46
N ALA B 156 -2.78 16.30 -24.64
CA ALA B 156 -1.52 15.69 -25.07
C ALA B 156 -1.75 14.31 -25.69
N PHE B 157 -2.64 13.52 -25.10
CA PHE B 157 -2.89 12.16 -25.57
C PHE B 157 -3.93 12.10 -26.68
N GLY B 158 -4.77 13.15 -26.78
CA GLY B 158 -5.80 13.24 -27.80
C GLY B 158 -5.18 13.17 -29.19
N GLY B 159 -5.68 12.28 -30.04
CA GLY B 159 -5.10 12.13 -31.37
C GLY B 159 -3.84 11.25 -31.47
N ARG B 160 -3.34 10.77 -30.35
CA ARG B 160 -2.22 9.86 -30.41
C ARG B 160 -2.79 8.54 -30.97
N ASP B 161 -1.93 7.75 -31.59
CA ASP B 161 -2.38 6.55 -32.30
C ASP B 161 -2.50 5.32 -31.42
N ASN B 162 -1.62 5.20 -30.43
CA ASN B 162 -1.45 3.96 -29.69
C ASN B 162 -1.98 4.00 -28.27
N THR B 163 -2.66 5.10 -27.92
CA THR B 163 -3.28 5.25 -26.62
C THR B 163 -4.74 5.70 -26.71
N ASP B 164 -5.50 5.33 -25.70
CA ASP B 164 -6.84 5.88 -25.43
C ASP B 164 -6.79 6.37 -24.01
N ILE B 165 -7.37 7.53 -23.74
CA ILE B 165 -7.26 8.13 -22.41
C ILE B 165 -8.66 8.30 -21.81
N PHE B 166 -8.76 7.97 -20.54
CA PHE B 166 -10.00 8.04 -19.80
C PHE B 166 -9.76 8.87 -18.55
N ILE B 167 -10.45 10.01 -18.41
CA ILE B 167 -10.27 10.87 -17.21
C ILE B 167 -11.59 10.88 -16.43
N LEU B 168 -11.52 10.55 -15.15
CA LEU B 168 -12.70 10.57 -14.30
C LEU B 168 -12.67 11.87 -13.49
N PHE B 169 -13.81 12.55 -13.36
CA PHE B 169 -13.88 13.75 -12.55
C PHE B 169 -15.21 13.82 -11.80
N PRO B 170 -15.23 14.54 -10.66
CA PRO B 170 -16.43 14.59 -9.84
C PRO B 170 -17.53 15.36 -10.54
N ASN B 171 -18.65 14.69 -10.78
CA ASN B 171 -19.79 15.26 -11.49
C ASN B 171 -20.27 16.57 -10.89
N GLY B 172 -20.32 17.61 -11.73
CA GLY B 172 -20.78 18.94 -11.36
C GLY B 172 -19.88 19.73 -10.41
N ARG B 173 -18.71 19.19 -10.05
CA ARG B 173 -17.83 19.86 -9.07
C ARG B 173 -16.46 20.32 -9.64
N VAL B 174 -16.33 20.33 -10.97
CA VAL B 174 -15.14 20.89 -11.60
C VAL B 174 -15.44 22.31 -12.10
N SER B 175 -14.46 23.20 -11.95
CA SER B 175 -14.59 24.59 -12.44
C SER B 175 -14.88 24.55 -13.93
N PRO B 176 -15.73 25.47 -14.42
CA PRO B 176 -16.17 25.38 -15.81
C PRO B 176 -15.04 25.48 -16.85
N VAL B 177 -14.10 26.42 -16.67
CA VAL B 177 -12.94 26.45 -17.55
C VAL B 177 -12.26 25.06 -17.58
N GLN B 178 -11.90 24.53 -16.40
CA GLN B 178 -11.19 23.24 -16.31
C GLN B 178 -12.01 22.11 -16.92
N GLN B 179 -13.34 22.17 -16.80
CA GLN B 179 -14.18 21.09 -17.34
C GLN B 179 -14.22 21.13 -18.87
N ARG B 180 -14.53 22.30 -19.42
CA ARG B 180 -14.69 22.46 -20.87
C ARG B 180 -13.44 22.00 -21.65
N GLN B 181 -12.24 22.21 -21.10
CA GLN B 181 -10.99 21.68 -21.73
C GLN B 181 -10.91 20.16 -21.74
N MET B 182 -11.56 19.52 -20.76
CA MET B 182 -11.60 18.06 -20.69
C MET B 182 -12.63 17.49 -21.63
N THR B 183 -13.74 18.20 -21.82
CA THR B 183 -14.90 17.64 -22.47
C THR B 183 -15.04 18.07 -23.94
N SER B 184 -14.35 19.10 -24.39
CA SER B 184 -14.61 19.63 -25.74
C SER B 184 -13.43 19.51 -26.70
N SER B 185 -12.59 18.49 -26.53
CA SER B 185 -11.31 18.43 -27.26
C SER B 185 -11.49 17.91 -28.68
N GLY B 186 -12.62 17.25 -28.94
CA GLY B 186 -12.93 16.71 -30.25
C GLY B 186 -12.17 15.45 -30.66
N PHE B 187 -11.41 14.85 -29.75
CA PHE B 187 -10.56 13.71 -30.09
C PHE B 187 -11.30 12.42 -29.80
N SER B 188 -11.26 11.48 -30.74
CA SER B 188 -12.01 10.22 -30.63
C SER B 188 -11.42 9.21 -29.63
N ASN B 189 -10.16 9.38 -29.26
CA ASN B 189 -9.55 8.49 -28.26
C ASN B 189 -9.57 9.09 -26.85
N VAL B 190 -10.37 10.12 -26.65
CA VAL B 190 -10.51 10.80 -25.36
C VAL B 190 -11.86 10.50 -24.75
N HIS B 191 -11.88 10.19 -23.45
CA HIS B 191 -13.12 9.84 -22.76
C HIS B 191 -13.23 10.54 -21.46
N ALA B 192 -14.17 11.47 -21.35
CA ALA B 192 -14.37 12.22 -20.12
C ALA B 192 -15.52 11.62 -19.34
N LEU B 193 -15.22 11.09 -18.15
CA LEU B 193 -16.19 10.39 -17.29
C LEU B 193 -16.56 11.19 -16.03
N SER B 194 -17.81 11.63 -15.97
CA SER B 194 -18.31 12.48 -14.90
C SER B 194 -18.96 11.54 -13.88
N ILE B 195 -18.21 11.24 -12.83
CA ILE B 195 -18.58 10.23 -11.88
C ILE B 195 -19.56 10.83 -10.86
N GLU B 196 -20.63 10.10 -10.57
CA GLU B 196 -21.57 10.52 -9.52
C GLU B 196 -20.90 10.23 -8.19
N GLY B 197 -20.02 11.13 -7.79
CA GLY B 197 -19.21 10.90 -6.60
C GLY B 197 -18.28 12.08 -6.46
N ASN B 198 -17.48 12.06 -5.40
CA ASN B 198 -16.52 13.14 -5.15
C ASN B 198 -15.16 12.79 -5.71
N PHE B 199 -14.24 13.73 -5.63
CA PHE B 199 -12.91 13.49 -6.18
C PHE B 199 -12.24 12.29 -5.49
N ASP B 200 -12.47 12.13 -4.20
CA ASP B 200 -11.95 10.95 -3.49
C ASP B 200 -12.55 9.65 -4.07
N ASP B 201 -13.81 9.69 -4.50
CA ASP B 201 -14.49 8.55 -5.12
C ASP B 201 -13.79 8.23 -6.44
N CYS B 202 -13.56 9.28 -7.22
CA CYS B 202 -12.81 9.16 -8.49
C CYS B 202 -11.43 8.53 -8.29
N GLN B 203 -10.68 9.03 -7.31
CA GLN B 203 -9.40 8.44 -6.98
C GLN B 203 -9.50 6.97 -6.59
N ASN B 204 -10.56 6.61 -5.87
CA ASN B 204 -10.77 5.25 -5.40
C ASN B 204 -11.11 4.31 -6.56
N LEU B 205 -11.90 4.82 -7.51
CA LEU B 205 -12.22 4.09 -8.73
C LEU B 205 -10.97 3.81 -9.58
N VAL B 206 -10.11 4.81 -9.71
CA VAL B 206 -8.84 4.66 -10.38
C VAL B 206 -7.95 3.70 -9.59
N LYS B 207 -7.83 3.92 -8.27
CA LYS B 207 -7.05 2.98 -7.43
C LYS B 207 -7.60 1.57 -7.63
N GLY B 208 -8.93 1.46 -7.69
CA GLY B 208 -9.63 0.19 -7.84
C GLY B 208 -9.24 -0.51 -9.13
N MET B 209 -9.25 0.24 -10.24
CA MET B 209 -8.87 -0.31 -11.52
C MET B 209 -7.43 -0.81 -11.51
N PHE B 210 -6.51 -0.03 -10.94
CA PHE B 210 -5.10 -0.41 -10.89
C PHE B 210 -4.84 -1.56 -9.92
N ASN B 211 -5.55 -1.57 -8.80
CA ASN B 211 -5.49 -2.71 -7.85
C ASN B 211 -6.08 -4.01 -8.45
N ASP B 212 -6.87 -3.88 -9.52
CA ASP B 212 -7.44 -5.03 -10.22
C ASP B 212 -6.43 -5.49 -11.27
N LEU B 213 -5.57 -6.42 -10.87
CA LEU B 213 -4.41 -6.75 -11.67
C LEU B 213 -4.77 -7.42 -13.02
N GLU B 214 -5.85 -8.22 -13.05
CA GLU B 214 -6.36 -8.81 -14.30
C GLU B 214 -6.88 -7.74 -15.28
N PHE B 215 -7.66 -6.79 -14.78
CA PHE B 215 -8.11 -5.67 -15.60
C PHE B 215 -6.98 -4.85 -16.22
N CYS B 216 -5.95 -4.53 -15.43
CA CYS B 216 -4.78 -3.82 -15.96
C CYS B 216 -4.14 -4.54 -17.14
N ASP B 217 -4.04 -5.86 -17.06
CA ASP B 217 -3.44 -6.65 -18.13
C ASP B 217 -4.27 -6.60 -19.38
N ALA B 218 -5.54 -6.93 -19.26
CA ALA B 218 -6.46 -6.90 -20.39
C ALA B 218 -6.39 -5.58 -21.15
N LEU B 219 -6.32 -4.47 -20.41
CA LEU B 219 -6.44 -3.15 -20.98
C LEU B 219 -5.11 -2.42 -21.17
N SER B 220 -4.00 -3.01 -20.73
CA SER B 220 -2.69 -2.34 -20.71
C SER B 220 -2.79 -0.98 -20.03
N LEU B 221 -3.27 -1.03 -18.78
CA LEU B 221 -3.56 0.19 -18.01
C LEU B 221 -2.28 0.91 -17.63
N SER B 222 -2.35 2.23 -17.69
CA SER B 222 -1.24 3.08 -17.37
C SER B 222 -1.79 4.41 -16.82
N GLY B 223 -1.03 5.03 -15.91
CA GLY B 223 -1.54 6.13 -15.09
C GLY B 223 -1.26 7.55 -15.56
N VAL B 224 -1.88 8.51 -14.87
CA VAL B 224 -1.57 9.92 -15.05
C VAL B 224 -0.95 10.38 -13.77
N ASN B 225 0.37 10.56 -13.75
CA ASN B 225 0.93 11.15 -12.55
C ASN B 225 2.31 11.69 -12.65
N SER B 226 2.64 12.31 -11.54
CA SER B 226 3.74 13.15 -11.37
C SER B 226 5.08 12.42 -11.36
N ILE B 227 5.09 11.11 -11.15
CA ILE B 227 6.35 10.40 -10.86
C ILE B 227 7.06 9.63 -12.00
N ASN B 228 6.46 9.49 -13.19
CA ASN B 228 7.22 8.91 -14.31
C ASN B 228 8.46 9.79 -14.63
N TRP B 229 9.62 9.19 -14.88
CA TRP B 229 10.84 9.96 -15.23
C TRP B 229 10.64 10.80 -16.46
N ALA B 230 10.12 10.16 -17.50
CA ALA B 230 9.88 10.79 -18.80
C ALA B 230 8.92 11.95 -18.67
N ARG B 231 8.22 12.02 -17.53
CA ARG B 231 7.29 13.13 -17.22
C ARG B 231 7.93 14.36 -16.55
N ILE B 232 9.10 14.19 -15.89
CA ILE B 232 9.95 15.28 -15.38
C ILE B 232 10.97 15.79 -16.41
N MET B 233 11.55 14.86 -17.16
CA MET B 233 12.63 15.15 -18.11
C MET B 233 12.40 16.38 -19.03
N PRO B 234 11.20 16.54 -19.62
CA PRO B 234 11.12 17.63 -20.59
C PRO B 234 11.21 19.00 -19.93
N GLN B 235 10.92 19.04 -18.64
CA GLN B 235 10.97 20.31 -17.88
C GLN B 235 12.37 20.89 -17.68
N VAL B 236 13.41 20.07 -17.90
CA VAL B 236 14.79 20.52 -17.84
C VAL B 236 15.05 21.65 -18.85
N VAL B 237 14.38 21.56 -19.99
CA VAL B 237 14.68 22.42 -21.11
C VAL B 237 14.54 23.90 -20.78
N TYR B 238 13.42 24.29 -20.17
CA TYR B 238 13.16 25.70 -20.00
C TYR B 238 14.09 26.36 -18.96
N TYR B 239 14.75 25.56 -18.13
CA TYR B 239 15.81 26.11 -17.26
C TYR B 239 16.96 26.55 -18.15
N PHE B 240 17.29 25.70 -19.12
CA PHE B 240 18.31 26.03 -20.10
C PHE B 240 17.96 27.26 -20.93
N THR B 241 16.77 27.25 -21.53
CA THR B 241 16.36 28.34 -22.44
C THR B 241 16.29 29.69 -21.73
N ALA B 242 15.72 29.73 -20.52
CA ALA B 242 15.68 30.96 -19.75
C ALA B 242 17.05 31.43 -19.31
N ALA B 243 17.89 30.50 -18.86
CA ALA B 243 19.22 30.90 -18.40
C ALA B 243 20.05 31.39 -19.59
N LEU B 244 19.87 30.78 -20.79
CA LEU B 244 20.58 31.24 -21.98
C LEU B 244 20.18 32.69 -22.32
N SER B 245 18.92 33.01 -22.11
CA SER B 245 18.46 34.36 -22.37
C SER B 245 19.22 35.37 -21.52
N LEU B 246 19.45 35.00 -20.26
CA LEU B 246 20.07 35.85 -19.27
C LEU B 246 21.62 35.80 -19.19
N GLY B 247 22.28 35.06 -20.06
CA GLY B 247 23.75 35.04 -20.09
C GLY B 247 24.48 33.75 -19.75
N ALA B 248 23.75 32.68 -19.52
CA ALA B 248 24.36 31.37 -19.28
C ALA B 248 25.31 31.00 -20.39
N PRO B 249 26.42 30.35 -20.07
CA PRO B 249 26.89 29.92 -18.76
C PRO B 249 27.81 30.96 -18.09
N ASP B 250 27.92 32.17 -18.63
CA ASP B 250 28.88 33.13 -18.09
C ASP B 250 28.42 33.82 -16.81
N ARG B 251 27.14 33.73 -16.49
CA ARG B 251 26.73 34.01 -15.13
C ARG B 251 25.66 33.04 -14.70
N ALA B 252 25.63 32.80 -13.40
CA ALA B 252 24.71 31.90 -12.81
C ALA B 252 23.33 32.57 -12.73
N VAL B 253 22.29 31.75 -12.79
CA VAL B 253 20.92 32.19 -12.78
C VAL B 253 20.21 31.48 -11.65
N SER B 254 19.27 32.16 -11.01
CA SER B 254 18.45 31.57 -9.95
C SER B 254 16.99 31.38 -10.39
N PHE B 255 16.34 30.39 -9.80
CA PHE B 255 14.97 30.07 -10.13
C PHE B 255 14.13 29.86 -8.89
N THR B 256 12.93 30.39 -8.93
CA THR B 256 11.94 30.16 -7.88
C THR B 256 10.78 29.42 -8.52
N VAL B 257 10.32 28.36 -7.87
CA VAL B 257 9.37 27.44 -8.49
C VAL B 257 8.17 27.21 -7.57
N PRO B 258 6.97 27.64 -8.00
CA PRO B 258 5.79 27.30 -7.22
C PRO B 258 5.65 25.78 -7.30
N THR B 259 5.76 25.12 -6.16
CA THR B 259 6.00 23.68 -6.14
C THR B 259 4.92 22.93 -5.38
N GLY B 260 4.47 21.83 -5.95
CA GLY B 260 3.61 20.88 -5.27
C GLY B 260 4.35 19.57 -5.12
N ASN B 261 4.38 18.78 -6.19
CA ASN B 261 5.03 17.46 -6.13
C ASN B 261 6.50 17.42 -6.56
N PHE B 262 7.11 18.59 -6.77
CA PHE B 262 8.57 18.72 -6.79
C PHE B 262 9.20 18.33 -8.12
N GLY B 263 8.42 17.81 -9.08
CA GLY B 263 8.99 17.38 -10.39
C GLY B 263 9.59 18.55 -11.18
N ASP B 264 8.91 19.69 -11.09
CA ASP B 264 9.33 20.92 -11.73
C ASP B 264 10.66 21.43 -11.23
N ILE B 265 10.77 21.64 -9.92
CA ILE B 265 12.02 22.12 -9.40
C ILE B 265 13.10 21.04 -9.47
N PHE B 266 12.73 19.77 -9.35
CA PHE B 266 13.73 18.73 -9.51
C PHE B 266 14.35 18.78 -10.92
N ALA B 267 13.54 19.11 -11.94
CA ALA B 267 14.12 19.26 -13.28
C ALA B 267 15.17 20.38 -13.32
N GLY B 268 14.96 21.43 -12.52
CA GLY B 268 15.98 22.47 -12.40
C GLY B 268 17.26 21.98 -11.75
N TYR B 269 17.12 21.12 -10.75
CA TYR B 269 18.25 20.44 -10.14
C TYR B 269 18.98 19.58 -11.18
N VAL B 270 18.21 18.88 -12.01
CA VAL B 270 18.80 18.14 -13.10
C VAL B 270 19.62 19.04 -14.03
N ALA B 271 19.05 20.14 -14.50
CA ALA B 271 19.86 21.09 -15.31
C ALA B 271 21.17 21.48 -14.63
N LYS B 272 21.13 21.76 -13.33
CA LYS B 272 22.33 22.08 -12.60
C LYS B 272 23.32 20.93 -12.60
N ARG B 273 22.83 19.71 -12.37
CA ARG B 273 23.69 18.55 -12.40
C ARG B 273 24.32 18.34 -13.79
N MET B 274 23.62 18.78 -14.85
CA MET B 274 24.14 18.71 -16.20
C MET B 274 25.24 19.75 -16.49
N GLY B 275 25.38 20.76 -15.65
CA GLY B 275 26.34 21.83 -15.89
C GLY B 275 25.81 23.25 -16.00
N LEU B 276 24.49 23.42 -15.96
CA LEU B 276 23.94 24.77 -16.07
C LEU B 276 24.26 25.51 -14.79
N PRO B 277 24.96 26.65 -14.88
CA PRO B 277 25.26 27.38 -13.65
C PRO B 277 24.01 27.98 -13.05
N ILE B 278 23.64 27.47 -11.88
CA ILE B 278 22.49 27.88 -11.13
C ILE B 278 22.97 28.31 -9.74
N GLU B 279 22.47 29.42 -9.24
CA GLU B 279 22.84 29.94 -7.90
C GLU B 279 21.82 29.36 -6.92
N GLN B 280 20.63 29.95 -6.82
CA GLN B 280 19.59 29.41 -5.99
C GLN B 280 18.52 28.68 -6.75
N LEU B 281 18.03 27.64 -6.09
CA LEU B 281 16.78 27.00 -6.42
C LEU B 281 15.88 27.18 -5.19
N ILE B 282 14.73 27.81 -5.38
CA ILE B 282 13.87 28.18 -4.28
C ILE B 282 12.51 27.53 -4.49
N ILE B 283 12.12 26.77 -3.47
CA ILE B 283 10.85 26.10 -3.39
C ILE B 283 9.84 27.08 -2.85
N ALA B 284 8.76 27.32 -3.58
CA ALA B 284 7.69 28.21 -3.09
C ALA B 284 6.41 27.40 -2.87
N THR B 285 5.85 27.48 -1.65
CA THR B 285 4.70 26.65 -1.30
C THR B 285 3.52 27.53 -0.90
N ASN B 286 2.35 26.91 -0.90
CA ASN B 286 1.15 27.54 -0.31
C ASN B 286 1.08 27.10 1.15
N ASP B 287 -0.06 27.28 1.80
CA ASP B 287 -0.21 26.94 3.23
C ASP B 287 0.13 25.47 3.51
N ASN B 288 0.02 24.64 2.47
CA ASN B 288 0.47 23.25 2.55
C ASN B 288 1.99 23.30 2.41
N ASP B 289 2.67 23.47 3.55
CA ASP B 289 4.06 23.91 3.53
C ASP B 289 5.05 22.86 4.02
N ILE B 290 4.68 21.58 3.84
CA ILE B 290 5.54 20.49 4.26
C ILE B 290 6.99 20.74 3.79
N LEU B 291 7.15 21.23 2.59
CA LEU B 291 8.51 21.39 2.03
C LEU B 291 9.25 22.53 2.73
N SER B 292 8.54 23.62 3.00
CA SER B 292 9.15 24.75 3.69
C SER B 292 9.50 24.36 5.16
N ARG B 293 8.61 23.64 5.82
CA ARG B 293 8.88 23.09 7.17
C ARG B 293 10.08 22.13 7.22
N THR B 294 10.24 21.36 6.15
CA THR B 294 11.33 20.40 6.08
C THR B 294 12.69 21.11 6.04
N LEU B 295 12.81 22.14 5.20
CA LEU B 295 14.06 22.89 5.12
C LEU B 295 14.34 23.66 6.41
N GLU B 296 13.31 24.16 7.05
CA GLU B 296 13.49 24.90 8.29
C GLU B 296 13.87 24.04 9.50
N SER B 297 13.21 22.91 9.69
CA SER B 297 13.37 22.11 10.90
C SER B 297 14.05 20.75 10.66
N GLY B 298 14.12 20.30 9.40
CA GLY B 298 14.60 18.95 9.09
C GLY B 298 13.52 17.87 9.17
N ALA B 299 12.31 18.28 9.52
CA ALA B 299 11.21 17.32 9.81
C ALA B 299 10.18 17.35 8.69
N TYR B 300 10.11 16.28 7.90
CA TYR B 300 9.12 16.15 6.82
C TYR B 300 7.91 15.48 7.46
N GLU B 301 6.89 16.28 7.76
CA GLU B 301 5.78 15.80 8.59
C GLU B 301 4.45 16.15 7.94
N MET B 302 3.69 15.10 7.67
CA MET B 302 2.41 15.24 7.00
C MET B 302 1.40 15.89 7.95
N ARG B 303 0.69 16.90 7.46
CA ARG B 303 -0.42 17.50 8.18
C ARG B 303 -1.65 17.43 7.27
N GLY B 304 -2.80 17.84 7.78
CA GLY B 304 -4.01 17.85 6.96
C GLY B 304 -3.90 18.85 5.81
N VAL B 305 -4.58 18.56 4.72
CA VAL B 305 -4.53 19.38 3.50
C VAL B 305 -5.37 20.63 3.73
N ALA B 306 -4.76 21.79 3.50
CA ALA B 306 -5.51 23.05 3.52
C ALA B 306 -5.97 23.35 2.10
N GLN B 307 -7.23 23.73 1.93
CA GLN B 307 -7.75 24.19 0.63
C GLN B 307 -7.37 25.68 0.49
N THR B 308 -6.76 26.03 -0.63
CA THR B 308 -6.19 27.36 -0.83
C THR B 308 -6.65 27.89 -2.20
N THR B 309 -6.17 29.05 -2.59
CA THR B 309 -6.44 29.61 -3.92
C THR B 309 -5.49 29.08 -4.99
N SER B 310 -4.55 28.21 -4.60
CA SER B 310 -3.59 27.58 -5.53
C SER B 310 -3.68 26.05 -5.45
N PRO B 311 -4.81 25.50 -5.92
CA PRO B 311 -5.15 24.09 -5.66
C PRO B 311 -4.19 23.08 -6.28
N SER B 312 -3.49 23.44 -7.35
CA SER B 312 -2.51 22.53 -7.91
C SER B 312 -1.36 22.30 -6.93
N MET B 313 -1.20 23.19 -5.94
CA MET B 313 -0.15 23.04 -4.92
C MET B 313 -0.69 22.53 -3.57
N ASP B 314 -1.95 22.09 -3.55
CA ASP B 314 -2.56 21.62 -2.31
C ASP B 314 -2.17 20.17 -2.09
N ILE B 315 -0.96 19.97 -1.63
CA ILE B 315 -0.40 18.62 -1.42
C ILE B 315 -0.19 18.35 0.03
N GLN B 316 -0.45 17.10 0.44
CA GLN B 316 -0.05 16.60 1.75
C GLN B 316 1.43 16.11 1.82
N ILE B 317 1.86 15.45 0.74
CA ILE B 317 3.23 15.01 0.57
C ILE B 317 3.62 15.38 -0.85
N SER B 318 4.92 15.48 -1.10
CA SER B 318 5.43 15.94 -2.38
C SER B 318 6.04 14.72 -3.06
N SER B 319 5.41 14.25 -4.12
CA SER B 319 5.67 12.91 -4.68
C SER B 319 7.08 12.74 -5.21
N ASN B 320 7.69 13.80 -5.73
CA ASN B 320 9.08 13.69 -6.24
C ASN B 320 10.21 14.11 -5.32
N PHE B 321 9.88 14.48 -4.09
CA PHE B 321 10.90 14.90 -3.13
C PHE B 321 11.83 13.73 -2.87
N GLU B 322 11.29 12.54 -2.94
CA GLU B 322 12.11 11.30 -2.82
C GLU B 322 13.32 11.28 -3.77
N ARG B 323 13.16 11.85 -4.98
CA ARG B 323 14.30 11.91 -5.89
C ARG B 323 15.45 12.74 -5.31
N LEU B 324 15.12 13.89 -4.70
CA LEU B 324 16.13 14.72 -4.06
C LEU B 324 16.68 14.04 -2.81
N LEU B 325 15.81 13.37 -2.05
CA LEU B 325 16.30 12.64 -0.86
C LEU B 325 17.38 11.66 -1.29
N PHE B 326 17.17 10.98 -2.42
CA PHE B 326 18.11 9.97 -2.87
C PHE B 326 19.44 10.62 -3.19
N GLU B 327 19.41 11.70 -3.97
CA GLU B 327 20.67 12.40 -4.30
C GLU B 327 21.37 12.97 -3.07
N ALA B 328 20.59 13.51 -2.13
CA ALA B 328 21.16 14.19 -0.96
C ALA B 328 21.79 13.20 0.02
N HIS B 329 21.38 11.93 -0.04
CA HIS B 329 22.02 10.86 0.74
C HIS B 329 23.09 10.14 -0.02
N GLY B 330 23.67 10.79 -1.04
CA GLY B 330 24.76 10.14 -1.81
C GLY B 330 24.30 8.86 -2.46
N ARG B 331 23.03 8.81 -2.84
CA ARG B 331 22.44 7.63 -3.48
C ARG B 331 22.49 6.37 -2.61
N ASP B 332 22.35 6.57 -1.30
CA ASP B 332 22.24 5.47 -0.38
C ASP B 332 20.75 5.02 -0.38
N ALA B 333 20.44 3.97 -1.14
CA ALA B 333 19.08 3.44 -1.20
C ALA B 333 18.51 2.98 0.17
N ALA B 334 19.35 2.38 1.02
CA ALA B 334 18.90 1.88 2.32
C ALA B 334 18.42 3.05 3.19
N ALA B 335 19.13 4.18 3.13
CA ALA B 335 18.70 5.37 3.86
C ALA B 335 17.35 5.89 3.35
N VAL B 336 17.19 5.96 2.02
CA VAL B 336 15.91 6.36 1.44
C VAL B 336 14.78 5.40 1.86
N ARG B 337 15.01 4.08 1.79
CA ARG B 337 13.95 3.16 2.19
C ARG B 337 13.53 3.41 3.64
N GLY B 338 14.49 3.60 4.52
CA GLY B 338 14.23 3.86 5.92
C GLY B 338 13.30 5.04 6.10
N LEU B 339 13.62 6.15 5.43
CA LEU B 339 12.81 7.35 5.59
C LEU B 339 11.40 7.16 5.03
N MET B 340 11.28 6.51 3.88
CA MET B 340 9.97 6.31 3.30
C MET B 340 9.14 5.33 4.16
N GLN B 341 9.78 4.34 4.77
CA GLN B 341 9.13 3.44 5.75
C GLN B 341 8.60 4.27 6.93
N GLY B 342 9.40 5.18 7.46
CA GLY B 342 8.93 6.10 8.53
C GLY B 342 7.72 6.91 8.11
N LEU B 343 7.76 7.48 6.90
CA LEU B 343 6.63 8.24 6.38
C LEU B 343 5.36 7.37 6.41
N LYS B 344 5.50 6.18 5.85
CA LYS B 344 4.38 5.28 5.72
C LYS B 344 3.84 4.86 7.09
N GLN B 345 4.73 4.54 8.05
CA GLN B 345 4.30 4.08 9.37
C GLN B 345 3.83 5.19 10.29
N SER B 346 4.53 6.31 10.34
CA SER B 346 4.32 7.31 11.38
C SER B 346 3.96 8.72 10.89
N GLY B 347 3.82 8.92 9.58
CA GLY B 347 3.39 10.21 9.03
C GLY B 347 4.47 11.24 8.83
N GLY B 348 5.72 10.83 9.01
CA GLY B 348 6.80 11.78 8.89
C GLY B 348 8.15 11.14 9.10
N PHE B 349 9.19 11.91 8.79
CA PHE B 349 10.56 11.52 9.10
C PHE B 349 11.40 12.75 9.31
N THR B 350 12.57 12.52 9.88
CA THR B 350 13.54 13.57 10.09
C THR B 350 14.78 13.29 9.25
N ILE B 351 15.26 14.29 8.52
CA ILE B 351 16.42 14.09 7.71
C ILE B 351 17.64 14.37 8.56
N SER B 352 18.58 13.45 8.61
CA SER B 352 19.81 13.61 9.39
C SER B 352 20.69 14.77 8.88
N GLU B 353 21.66 15.19 9.69
CA GLU B 353 22.34 16.49 9.45
C GLU B 353 23.08 16.60 8.13
N LYS B 354 23.81 15.57 7.73
CA LYS B 354 24.60 15.65 6.50
C LYS B 354 23.70 15.79 5.22
N PRO B 355 22.72 14.89 5.04
CA PRO B 355 21.88 15.11 3.88
C PRO B 355 21.08 16.41 3.95
N LEU B 356 20.63 16.77 5.14
CA LEU B 356 19.89 18.03 5.31
C LEU B 356 20.74 19.26 4.92
N SER B 357 22.03 19.26 5.31
CA SER B 357 22.95 20.33 4.91
C SER B 357 23.13 20.31 3.40
N ALA B 358 23.26 19.11 2.82
CA ALA B 358 23.36 19.03 1.33
C ALA B 358 22.14 19.70 0.66
N ILE B 359 20.95 19.39 1.17
CA ILE B 359 19.75 19.99 0.63
C ILE B 359 19.81 21.53 0.77
N ARG B 360 20.10 22.00 1.98
CA ARG B 360 20.14 23.43 2.27
C ARG B 360 21.20 24.19 1.46
N SER B 361 22.28 23.50 1.09
CA SER B 361 23.35 24.15 0.34
C SER B 361 22.91 24.50 -1.08
N GLU B 362 21.87 23.84 -1.60
CA GLU B 362 21.37 24.07 -2.97
C GLU B 362 19.93 24.59 -3.09
N PHE B 363 19.15 24.47 -2.01
CA PHE B 363 17.73 24.82 -1.99
C PHE B 363 17.45 25.70 -0.80
N SER B 364 16.50 26.61 -1.00
CA SER B 364 15.78 27.18 0.09
C SER B 364 14.26 27.10 -0.20
N ALA B 365 13.46 27.49 0.77
CA ALA B 365 12.05 27.27 0.67
C ALA B 365 11.28 28.30 1.45
N GLY B 366 10.14 28.70 0.92
CA GLY B 366 9.27 29.60 1.68
C GLY B 366 7.82 29.38 1.31
N ARG B 367 6.97 30.08 2.03
CA ARG B 367 5.54 29.89 1.96
C ARG B 367 4.83 31.21 1.68
N SER B 368 3.67 31.15 1.06
CA SER B 368 2.80 32.31 0.82
C SER B 368 1.38 31.91 1.20
N THR B 369 0.79 32.63 2.17
CA THR B 369 -0.58 32.34 2.60
C THR B 369 -1.59 32.85 1.56
N VAL B 370 -2.87 32.57 1.74
CA VAL B 370 -3.88 33.08 0.79
C VAL B 370 -3.87 34.62 0.70
N ASP B 371 -3.84 35.29 1.85
CA ASP B 371 -3.80 36.77 1.88
C ASP B 371 -2.52 37.35 1.24
N GLU B 372 -1.39 36.70 1.49
CA GLU B 372 -0.11 37.17 0.97
C GLU B 372 -0.07 36.97 -0.55
N THR B 373 -0.63 35.85 -1.01
CA THR B 373 -0.77 35.56 -2.44
C THR B 373 -1.61 36.62 -3.15
N ALA B 374 -2.79 36.92 -2.62
CA ALA B 374 -3.64 38.00 -3.13
C ALA B 374 -2.92 39.36 -3.12
N ALA B 375 -2.23 39.68 -2.03
CA ALA B 375 -1.50 40.95 -1.94
C ALA B 375 -0.49 41.06 -3.09
N THR B 376 0.17 39.95 -3.39
CA THR B 376 1.19 39.88 -4.46
C THR B 376 0.56 40.10 -5.83
N ILE B 377 -0.56 39.43 -6.10
CA ILE B 377 -1.28 39.68 -7.34
C ILE B 377 -1.62 41.17 -7.47
N GLU B 378 -2.20 41.74 -6.43
CA GLU B 378 -2.64 43.13 -6.51
C GLU B 378 -1.42 44.06 -6.72
N SER B 379 -0.36 43.79 -5.98
CA SER B 379 0.84 44.64 -6.03
C SER B 379 1.51 44.64 -7.43
N VAL B 380 1.73 43.45 -7.96
CA VAL B 380 2.47 43.32 -9.22
C VAL B 380 1.63 43.97 -10.34
N LEU B 381 0.32 43.77 -10.28
CA LEU B 381 -0.57 44.38 -11.24
C LEU B 381 -0.46 45.90 -11.19
N SER B 382 -0.57 46.43 -9.96
CA SER B 382 -0.48 47.84 -9.68
C SER B 382 0.87 48.46 -10.11
N LYS B 383 1.97 47.80 -9.74
CA LYS B 383 3.28 48.38 -9.98
C LYS B 383 3.78 48.13 -11.40
N ASP B 384 3.45 46.99 -11.97
CA ASP B 384 4.03 46.57 -13.27
C ASP B 384 3.00 46.47 -14.38
N GLY B 385 1.71 46.45 -14.03
CA GLY B 385 0.71 46.19 -15.06
C GLY B 385 0.65 44.74 -15.52
N TYR B 386 1.29 43.84 -14.77
CA TYR B 386 1.38 42.42 -15.08
C TYR B 386 0.47 41.61 -14.15
N LEU B 387 -0.36 40.75 -14.75
CA LEU B 387 -1.37 40.01 -14.00
C LEU B 387 -0.87 38.60 -13.75
N LEU B 388 -0.86 38.21 -12.48
CA LEU B 388 -0.44 36.87 -12.08
C LEU B 388 -1.60 36.00 -11.65
N ASP B 389 -1.52 34.71 -11.97
CA ASP B 389 -2.42 33.73 -11.30
C ASP B 389 -1.87 33.47 -9.87
N PRO B 390 -2.67 32.83 -9.03
CA PRO B 390 -2.20 32.59 -7.66
C PRO B 390 -0.93 31.71 -7.53
N HIS B 391 -0.83 30.65 -8.31
CA HIS B 391 0.34 29.76 -8.22
C HIS B 391 1.59 30.57 -8.53
N SER B 392 1.54 31.31 -9.62
CA SER B 392 2.64 32.14 -10.02
C SER B 392 2.98 33.26 -9.02
N ALA B 393 1.96 33.89 -8.46
CA ALA B 393 2.14 34.91 -7.44
C ALA B 393 2.86 34.36 -6.22
N ILE B 394 2.57 33.12 -5.85
CA ILE B 394 3.26 32.47 -4.72
C ILE B 394 4.74 32.42 -5.05
N GLY B 395 5.06 32.05 -6.28
CA GLY B 395 6.45 32.12 -6.74
C GLY B 395 7.08 33.50 -6.58
N VAL B 396 6.38 34.54 -7.01
CA VAL B 396 6.96 35.91 -6.92
C VAL B 396 7.16 36.31 -5.45
N LYS B 397 6.15 36.09 -4.64
CA LYS B 397 6.19 36.41 -3.20
C LYS B 397 7.41 35.79 -2.53
N VAL B 398 7.58 34.48 -2.72
CA VAL B 398 8.69 33.74 -2.09
C VAL B 398 10.05 34.10 -2.68
N ALA B 399 10.09 34.25 -4.00
CA ALA B 399 11.34 34.70 -4.65
C ALA B 399 11.85 35.99 -4.03
N ARG B 400 10.98 36.94 -3.81
CA ARG B 400 11.40 38.25 -3.30
C ARG B 400 11.87 38.20 -1.85
N GLU B 401 11.30 37.30 -1.07
CA GLU B 401 11.74 37.03 0.31
C GLU B 401 13.09 36.34 0.41
N LYS B 402 13.33 35.37 -0.47
CA LYS B 402 14.43 34.41 -0.36
C LYS B 402 15.58 34.69 -1.31
N ALA B 403 15.38 35.48 -2.35
CA ALA B 403 16.47 35.88 -3.27
C ALA B 403 17.62 36.48 -2.47
N SER B 404 18.83 36.06 -2.82
CA SER B 404 20.03 36.58 -2.19
C SER B 404 21.17 36.48 -3.15
N GLY B 405 21.81 37.59 -3.45
CA GLY B 405 22.96 37.60 -4.32
C GLY B 405 22.65 38.39 -5.56
N THR B 406 23.60 38.38 -6.48
CA THR B 406 23.48 39.22 -7.66
C THR B 406 22.84 38.47 -8.81
N ALA B 407 22.62 37.15 -8.67
CA ALA B 407 22.11 36.38 -9.80
C ALA B 407 20.75 36.90 -10.24
N PRO B 408 20.47 36.90 -11.56
CA PRO B 408 19.13 37.17 -11.98
C PRO B 408 18.18 36.08 -11.50
N MET B 409 16.98 36.45 -11.09
CA MET B 409 15.99 35.53 -10.56
C MET B 409 14.88 35.33 -11.57
N VAL B 410 14.64 34.06 -11.88
CA VAL B 410 13.57 33.68 -12.79
C VAL B 410 12.48 33.02 -11.97
N VAL B 411 11.27 33.56 -12.03
CA VAL B 411 10.12 32.98 -11.33
C VAL B 411 9.25 32.25 -12.35
N LEU B 412 8.99 30.97 -12.07
CA LEU B 412 8.16 30.17 -12.98
C LEU B 412 6.70 30.54 -12.78
N ALA B 413 6.07 31.01 -13.87
CA ALA B 413 4.63 31.25 -13.87
C ALA B 413 3.98 30.02 -14.47
N THR B 414 3.32 29.24 -13.60
CA THR B 414 2.90 27.89 -13.94
C THR B 414 1.51 27.80 -14.50
N ALA B 415 0.77 28.91 -14.45
CA ALA B 415 -0.60 28.96 -15.01
C ALA B 415 -1.01 30.36 -15.41
N HIS B 416 -1.85 30.44 -16.45
CA HIS B 416 -2.43 31.70 -16.91
C HIS B 416 -3.50 32.15 -15.92
N PRO B 417 -3.60 33.47 -15.65
CA PRO B 417 -4.57 33.94 -14.64
C PRO B 417 -6.02 33.51 -14.91
N ALA B 418 -6.37 33.39 -16.18
CA ALA B 418 -7.71 33.00 -16.58
C ALA B 418 -8.08 31.58 -16.22
N LYS B 419 -7.10 30.76 -15.82
CA LYS B 419 -7.34 29.43 -15.28
C LYS B 419 -7.88 29.43 -13.85
N PHE B 420 -7.56 30.50 -13.10
CA PHE B 420 -8.03 30.63 -11.74
C PHE B 420 -8.66 32.00 -11.54
N PRO B 421 -9.76 32.26 -12.26
CA PRO B 421 -10.28 33.63 -12.33
C PRO B 421 -10.88 34.17 -11.05
N ASP B 422 -11.45 33.31 -10.20
CA ASP B 422 -12.10 33.83 -9.00
C ASP B 422 -11.07 34.36 -8.02
N ALA B 423 -9.98 33.61 -7.84
CA ALA B 423 -8.90 34.03 -6.99
C ALA B 423 -8.24 35.33 -7.50
N VAL B 424 -8.07 35.43 -8.81
CA VAL B 424 -7.50 36.63 -9.43
C VAL B 424 -8.46 37.82 -9.16
N LYS B 425 -9.76 37.63 -9.40
CA LYS B 425 -10.71 38.73 -9.22
C LYS B 425 -10.77 39.18 -7.75
N ALA B 426 -10.77 38.24 -6.83
CA ALA B 426 -10.82 38.57 -5.42
C ALA B 426 -9.57 39.35 -5.00
N ALA B 427 -8.43 38.98 -5.58
CA ALA B 427 -7.18 39.63 -5.28
C ALA B 427 -7.11 41.08 -5.76
N CYS B 428 -7.55 41.33 -6.99
CA CYS B 428 -7.26 42.62 -7.62
C CYS B 428 -8.37 43.24 -8.42
N GLY B 429 -9.53 42.60 -8.45
CA GLY B 429 -10.69 43.15 -9.12
C GLY B 429 -10.76 42.89 -10.62
N VAL B 430 -9.74 42.31 -11.23
CA VAL B 430 -9.76 42.05 -12.67
C VAL B 430 -10.33 40.65 -12.93
N GLU B 431 -11.27 40.54 -13.86
CA GLU B 431 -11.72 39.25 -14.36
C GLU B 431 -10.77 38.93 -15.51
N PRO B 432 -9.88 37.92 -15.33
CA PRO B 432 -8.91 37.70 -16.40
C PRO B 432 -9.53 37.30 -17.73
N GLN B 433 -8.88 37.68 -18.82
CA GLN B 433 -9.34 37.37 -20.17
C GLN B 433 -8.54 36.18 -20.73
N LEU B 434 -9.25 35.22 -21.31
CA LEU B 434 -8.65 34.09 -22.01
C LEU B 434 -7.90 34.60 -23.23
N PRO B 435 -6.81 33.90 -23.62
CA PRO B 435 -6.17 34.28 -24.89
C PRO B 435 -7.10 34.21 -26.09
N ALA B 436 -6.83 35.04 -27.08
CA ALA B 436 -7.72 35.20 -28.24
C ALA B 436 -8.09 33.86 -28.88
N TRP B 437 -7.10 32.99 -29.07
CA TRP B 437 -7.36 31.71 -29.74
C TRP B 437 -8.28 30.79 -28.94
N LEU B 438 -8.36 31.01 -27.63
CA LEU B 438 -9.23 30.22 -26.77
C LEU B 438 -10.51 31.00 -26.40
N CYS B 439 -10.74 32.14 -27.08
CA CYS B 439 -11.86 33.03 -26.72
C CYS B 439 -13.22 32.34 -26.76
N ASP B 440 -13.38 31.35 -27.64
CA ASP B 440 -14.66 30.62 -27.79
C ASP B 440 -14.76 29.35 -26.90
N LEU B 441 -13.80 29.16 -25.99
CA LEU B 441 -13.75 27.97 -25.12
C LEU B 441 -15.12 27.57 -24.54
N MET B 442 -15.77 28.46 -23.81
CA MET B 442 -17.05 28.14 -23.14
C MET B 442 -18.24 28.00 -24.10
N GLN B 443 -18.06 28.24 -25.39
CA GLN B 443 -19.11 27.97 -26.40
C GLN B 443 -19.01 26.56 -27.01
N ARG B 444 -17.88 25.89 -26.83
CA ARG B 444 -17.60 24.60 -27.46
C ARG B 444 -18.46 23.46 -26.89
N LYS B 445 -18.79 22.49 -27.74
CA LYS B 445 -19.70 21.40 -27.36
C LYS B 445 -18.99 20.45 -26.40
N GLU B 446 -19.58 20.24 -25.23
CA GLU B 446 -19.11 19.27 -24.27
C GLU B 446 -19.51 17.87 -24.75
N SER B 447 -18.69 16.89 -24.41
CA SER B 447 -18.96 15.50 -24.71
C SER B 447 -18.40 14.66 -23.55
N PHE B 448 -19.29 14.11 -22.72
CA PHE B 448 -18.87 13.37 -21.54
C PHE B 448 -19.99 12.45 -21.07
N THR B 449 -19.62 11.42 -20.31
CA THR B 449 -20.58 10.39 -19.87
C THR B 449 -20.70 10.34 -18.34
N VAL B 450 -21.93 10.48 -17.82
CA VAL B 450 -22.19 10.42 -16.39
C VAL B 450 -22.31 8.95 -15.96
N LEU B 451 -21.55 8.52 -14.96
CA LEU B 451 -21.52 7.12 -14.58
C LEU B 451 -21.67 7.00 -13.07
N HIS B 452 -22.33 5.94 -12.62
CA HIS B 452 -22.36 5.65 -11.20
C HIS B 452 -20.96 5.46 -10.67
N ASN B 453 -20.72 5.83 -9.40
CA ASN B 453 -19.49 5.47 -8.68
C ASN B 453 -19.56 3.96 -8.37
N GLU B 454 -19.24 3.16 -9.39
CA GLU B 454 -19.25 1.69 -9.31
C GLU B 454 -18.19 1.14 -10.27
N LEU B 455 -17.25 0.38 -9.71
CA LEU B 455 -16.09 -0.10 -10.43
C LEU B 455 -16.47 -0.89 -11.70
N LYS B 456 -17.46 -1.78 -11.58
CA LYS B 456 -17.85 -2.62 -12.72
C LYS B 456 -18.32 -1.77 -13.91
N ILE B 457 -19.10 -0.73 -13.63
CA ILE B 457 -19.66 0.12 -14.69
C ILE B 457 -18.51 0.91 -15.34
N VAL B 458 -17.59 1.42 -14.53
CA VAL B 458 -16.47 2.19 -15.06
C VAL B 458 -15.56 1.26 -15.88
N GLU B 459 -15.27 0.07 -15.34
CA GLU B 459 -14.44 -0.90 -16.05
C GLU B 459 -15.11 -1.34 -17.35
N GLU B 460 -16.42 -1.56 -17.32
CA GLU B 460 -17.17 -2.00 -18.54
C GLU B 460 -17.07 -0.93 -19.62
N TYR B 461 -17.30 0.34 -19.26
CA TYR B 461 -17.10 1.45 -20.19
C TYR B 461 -15.69 1.47 -20.79
N VAL B 462 -14.66 1.33 -19.95
CA VAL B 462 -13.27 1.44 -20.42
C VAL B 462 -12.96 0.28 -21.36
N ARG B 463 -13.39 -0.92 -20.98
CA ARG B 463 -13.15 -2.11 -21.80
C ARG B 463 -13.84 -2.01 -23.16
N HIS B 464 -15.05 -1.45 -23.18
CA HIS B 464 -15.80 -1.25 -24.44
C HIS B 464 -15.17 -0.24 -25.38
N HIS B 465 -14.63 0.86 -24.84
CA HIS B 465 -14.16 1.96 -25.68
C HIS B 465 -12.68 1.95 -26.01
N SER B 466 -11.86 1.30 -25.19
CA SER B 466 -10.42 1.24 -25.46
C SER B 466 -10.13 0.29 -26.60
N ARG B 467 -9.13 0.65 -27.41
CA ARG B 467 -8.65 -0.21 -28.50
C ARG B 467 -7.56 -1.15 -28.03
N ALA B 468 -7.18 -1.05 -26.76
CA ALA B 468 -6.06 -1.80 -26.20
C ALA B 468 -6.34 -3.30 -26.14
N1 PLP C . -9.72 -23.68 9.58
C2 PLP C . -10.53 -22.87 10.36
C2A PLP C . -11.82 -23.34 11.01
C3 PLP C . -10.13 -21.46 10.61
O3 PLP C . -10.94 -20.64 11.40
C4 PLP C . -8.86 -20.98 9.97
C4A PLP C . -8.33 -19.59 10.14
C5 PLP C . -8.05 -21.93 9.15
C6 PLP C . -8.54 -23.26 9.03
C5A PLP C . -6.72 -21.47 8.54
O4P PLP C . -5.68 -21.09 9.54
P PLP C . -4.25 -20.35 9.21
O1P PLP C . -3.62 -21.18 8.10
O2P PLP C . -4.66 -18.95 8.78
O3P PLP C . -3.43 -20.33 10.49
N1 PLP D . 1.51 25.25 -10.32
C2 PLP D . 0.55 24.86 -11.25
C2A PLP D . -0.31 25.81 -12.00
C3 PLP D . 0.34 23.42 -11.57
O3 PLP D . -0.57 23.02 -12.51
C4 PLP D . 1.20 22.42 -10.85
C4A PLP D . 1.03 20.97 -11.12
C5 PLP D . 2.20 22.94 -9.85
C6 PLP D . 2.28 24.34 -9.67
C5A PLP D . 3.11 21.95 -9.10
O4P PLP D . 4.20 21.40 -9.91
P PLP D . 5.20 20.20 -9.33
O1P PLP D . 5.95 20.88 -8.21
O2P PLP D . 4.23 19.13 -8.87
O3P PLP D . 6.09 19.74 -10.49
#